data_5JNC
#
_entry.id   5JNC
#
_cell.length_a   64.775
_cell.length_b   123.796
_cell.length_c   151.400
_cell.angle_alpha   90.00
_cell.angle_beta   90.00
_cell.angle_gamma   90.00
#
_symmetry.space_group_name_H-M   'P 21 21 21'
#
loop_
_entity.id
_entity.type
_entity.pdbx_description
1 polymer 'Carbonic anhydrase 4'
2 non-polymer 'ZINC ION'
3 non-polymer 4-(aminomethyl)benzene-1-sulfonamide
4 non-polymer 'SULFATE ION'
5 non-polymer 'ACETATE ION'
6 non-polymer GLYCEROL
7 water water
#
_entity_poly.entity_id   1
_entity_poly.type   'polypeptide(L)'
_entity_poly.pdbx_seq_one_letter_code
;AESHWCYEVQAESSNYPCLVPVKWGGNCQKDRQSPINIVTTKAKVDKKLGRFFFSGYDKKQTWTVQNNGHSVMMLLENKA
SISGGGLPAPYQAKQLHLHWSDLPYKGSEHSLDGEHFAMEMHIVHEKEKGTSRNVKEAQDPEDEIAVLAFLVEAGTQVNE
GFQPLVEALSNIPKPEMSTTMAESSLLDLLPKEEKLRHYFRYLGSLTTPTCDEKVVWTVFREPIQLHREQILAFSQKLYY
DKEQTVSMKDNVRPLQQLGQRTVIKS
;
_entity_poly.pdbx_strand_id   A,B,C,D
#
# COMPACT_ATOMS: atom_id res chain seq x y z
N ALA A 1 19.40 -5.61 -35.68
CA ALA A 1 20.05 -5.07 -34.46
C ALA A 1 20.52 -3.64 -34.69
N GLU A 2 19.58 -2.68 -34.70
CA GLU A 2 19.96 -1.26 -34.75
C GLU A 2 20.46 -0.69 -33.41
N SER A 3 20.18 -1.35 -32.28
CA SER A 3 20.74 -1.00 -30.96
C SER A 3 20.58 -2.16 -29.99
N HIS A 4 21.20 -2.05 -28.81
CA HIS A 4 21.14 -3.13 -27.79
C HIS A 4 19.73 -3.23 -27.22
N TRP A 5 19.31 -4.45 -26.92
CA TRP A 5 18.03 -4.68 -26.24
C TRP A 5 18.04 -4.03 -24.85
N CYS A 6 16.88 -3.53 -24.47
CA CYS A 6 16.69 -2.94 -23.17
C CYS A 6 15.28 -3.22 -22.70
N TYR A 7 15.03 -2.92 -21.42
CA TYR A 7 13.66 -2.86 -20.90
C TYR A 7 13.05 -1.45 -21.18
N GLU A 8 11.72 -1.38 -21.21
CA GLU A 8 10.99 -0.16 -21.47
C GLU A 8 11.45 1.02 -20.59
N VAL A 9 11.66 0.77 -19.29
CA VAL A 9 12.11 1.81 -18.35
C VAL A 9 13.46 2.42 -18.76
N GLN A 10 14.31 1.65 -19.40
CA GLN A 10 15.62 2.16 -19.82
C GLN A 10 15.44 3.20 -20.94
N ALA A 11 14.67 2.86 -21.95
CA ALA A 11 14.34 3.78 -23.04
C ALA A 11 13.69 5.06 -22.51
N GLU A 12 12.79 4.91 -21.54
CA GLU A 12 12.08 6.04 -20.98
C GLU A 12 12.94 6.97 -20.11
N SER A 13 13.98 6.44 -19.47
CA SER A 13 14.76 7.19 -18.48
C SER A 13 16.11 7.67 -19.00
N SER A 14 16.46 7.33 -20.25
CA SER A 14 17.71 7.79 -20.82
C SER A 14 17.45 8.27 -22.24
N ASN A 15 18.30 9.16 -22.71
CA ASN A 15 18.25 9.61 -24.10
C ASN A 15 19.05 8.73 -25.05
N TYR A 16 19.85 7.79 -24.53
CA TYR A 16 20.62 6.88 -25.36
C TYR A 16 19.66 5.86 -25.96
N PRO A 17 19.71 5.62 -27.28
CA PRO A 17 18.77 4.69 -27.93
C PRO A 17 18.99 3.20 -27.60
N CYS A 18 17.91 2.44 -27.50
CA CYS A 18 17.97 1.02 -27.17
C CYS A 18 16.70 0.32 -27.66
N LEU A 19 16.70 -1.00 -27.85
CA LEU A 19 15.51 -1.70 -28.39
C LEU A 19 14.59 -2.22 -27.29
N VAL A 20 13.41 -1.61 -27.18
CA VAL A 20 12.43 -1.99 -26.15
C VAL A 20 11.81 -3.35 -26.46
N PRO A 21 11.13 -3.98 -25.47
CA PRO A 21 10.71 -5.41 -25.64
C PRO A 21 9.91 -5.77 -26.89
N VAL A 22 9.00 -4.90 -27.24
CA VAL A 22 8.16 -5.14 -28.40
C VAL A 22 8.96 -5.14 -29.70
N LYS A 23 10.18 -4.61 -29.67
CA LYS A 23 11.09 -4.64 -30.83
C LYS A 23 12.24 -5.62 -30.71
N TRP A 24 12.37 -6.41 -29.64
CA TRP A 24 13.45 -7.42 -29.49
C TRP A 24 13.57 -8.39 -30.69
N GLY A 25 14.80 -8.79 -31.02
CA GLY A 25 15.14 -9.72 -32.08
C GLY A 25 15.27 -11.21 -31.71
N GLY A 26 16.23 -11.94 -32.28
CA GLY A 26 16.35 -13.39 -32.05
C GLY A 26 15.00 -14.09 -32.22
N ASN A 27 14.66 -14.91 -31.23
CA ASN A 27 13.40 -15.64 -31.23
C ASN A 27 12.25 -14.97 -30.49
N CYS A 28 12.48 -13.73 -30.04
CA CYS A 28 11.55 -13.01 -29.18
C CYS A 28 10.17 -12.75 -29.78
N GLN A 29 10.09 -12.74 -31.11
CA GLN A 29 8.86 -12.48 -31.82
C GLN A 29 8.11 -13.74 -32.23
N LYS A 30 8.52 -14.91 -31.73
CA LYS A 30 7.83 -16.17 -32.02
C LYS A 30 6.67 -16.36 -31.07
N ASP A 31 6.06 -17.56 -31.07
CA ASP A 31 4.73 -17.74 -30.46
C ASP A 31 4.58 -18.75 -29.30
N ARG A 32 5.69 -19.23 -28.77
CA ARG A 32 5.68 -19.96 -27.51
CA ARG A 32 5.73 -19.98 -27.52
C ARG A 32 6.56 -19.18 -26.51
N GLN A 33 6.24 -17.91 -26.34
CA GLN A 33 7.04 -17.00 -25.54
C GLN A 33 6.58 -16.97 -24.07
N SER A 34 7.46 -16.45 -23.22
CA SER A 34 7.20 -16.21 -21.77
C SER A 34 7.60 -14.79 -21.41
N PRO A 35 7.04 -14.18 -20.36
CA PRO A 35 6.13 -14.77 -19.39
C PRO A 35 4.69 -14.72 -19.84
N ILE A 36 3.83 -15.36 -19.08
CA ILE A 36 2.38 -15.35 -19.29
C ILE A 36 1.61 -15.03 -18.01
N ASN A 37 0.33 -14.71 -18.20
CA ASN A 37 -0.69 -14.77 -17.13
C ASN A 37 -1.18 -16.19 -17.01
N ILE A 38 -1.38 -16.63 -15.76
CA ILE A 38 -1.92 -17.93 -15.47
C ILE A 38 -3.29 -17.79 -14.82
N VAL A 39 -4.33 -18.28 -15.52
CA VAL A 39 -5.65 -18.43 -14.88
C VAL A 39 -5.64 -19.73 -14.09
N THR A 40 -5.46 -19.59 -12.77
CA THR A 40 -5.23 -20.73 -11.90
C THR A 40 -6.33 -21.79 -11.97
N THR A 41 -7.59 -21.37 -12.00
CA THR A 41 -8.70 -22.32 -12.01
C THR A 41 -8.87 -23.05 -13.33
N LYS A 42 -8.30 -22.53 -14.42
CA LYS A 42 -8.32 -23.23 -15.71
C LYS A 42 -7.12 -24.15 -15.94
N ALA A 43 -6.07 -24.07 -15.15
CA ALA A 43 -4.97 -25.02 -15.32
C ALA A 43 -5.42 -26.39 -14.81
N LYS A 44 -5.32 -27.43 -15.64
CA LYS A 44 -5.69 -28.79 -15.21
C LYS A 44 -4.64 -29.45 -14.30
N VAL A 45 -5.13 -30.18 -13.30
CA VAL A 45 -4.26 -30.99 -12.47
C VAL A 45 -3.73 -32.15 -13.29
N ASP A 46 -2.42 -32.35 -13.28
CA ASP A 46 -1.81 -33.53 -13.88
C ASP A 46 -1.18 -34.29 -12.71
N LYS A 47 -1.64 -35.52 -12.47
CA LYS A 47 -1.22 -36.35 -11.34
C LYS A 47 0.26 -36.70 -11.38
N LYS A 48 0.84 -36.67 -12.57
CA LYS A 48 2.26 -36.94 -12.73
C LYS A 48 3.21 -35.82 -12.24
N LEU A 49 2.67 -34.66 -11.82
CA LEU A 49 3.49 -33.55 -11.31
C LEU A 49 3.69 -33.73 -9.81
N GLY A 50 4.74 -34.45 -9.47
CA GLY A 50 4.98 -34.83 -8.11
C GLY A 50 5.89 -33.81 -7.47
N ARG A 51 6.30 -34.12 -6.26
CA ARG A 51 7.18 -33.19 -5.52
C ARG A 51 8.54 -33.02 -6.21
N PHE A 52 9.19 -31.89 -6.00
CA PHE A 52 10.58 -31.71 -6.44
C PHE A 52 11.54 -32.35 -5.46
N PHE A 53 12.72 -32.72 -5.94
CA PHE A 53 13.83 -33.09 -5.06
C PHE A 53 14.92 -32.10 -5.36
N PHE A 54 15.33 -31.39 -4.33
CA PHE A 54 16.39 -30.41 -4.42
C PHE A 54 17.66 -31.11 -3.94
N SER A 55 18.78 -30.95 -4.63
CA SER A 55 20.07 -31.37 -4.10
C SER A 55 20.96 -30.18 -4.09
N GLY A 56 21.69 -30.00 -2.99
CA GLY A 56 22.61 -28.88 -2.80
C GLY A 56 21.96 -27.60 -2.33
N TYR A 57 20.64 -27.62 -2.14
CA TYR A 57 19.87 -26.42 -1.79
C TYR A 57 19.92 -26.06 -0.32
N ASP A 58 20.21 -27.05 0.53
CA ASP A 58 20.32 -26.87 1.97
C ASP A 58 21.75 -26.50 2.40
N LYS A 59 22.72 -26.79 1.56
CA LYS A 59 24.14 -26.57 1.83
C LYS A 59 24.49 -25.09 1.92
N LYS A 60 25.12 -24.69 3.02
CA LYS A 60 25.65 -23.32 3.13
C LYS A 60 26.86 -23.13 2.21
N GLN A 61 26.85 -22.04 1.45
CA GLN A 61 27.94 -21.67 0.54
C GLN A 61 28.19 -20.18 0.66
N THR A 62 29.31 -19.72 0.11
CA THR A 62 29.53 -18.30 -0.12
C THR A 62 29.46 -18.03 -1.61
N TRP A 63 28.27 -17.71 -2.07
CA TRP A 63 28.02 -17.60 -3.47
C TRP A 63 28.66 -16.32 -4.03
N THR A 64 29.07 -16.40 -5.29
CA THR A 64 29.41 -15.22 -6.07
C THR A 64 28.15 -14.64 -6.67
N VAL A 65 27.97 -13.33 -6.50
CA VAL A 65 26.82 -12.62 -7.05
C VAL A 65 27.32 -11.43 -7.87
N GLN A 66 26.66 -11.17 -9.00
CA GLN A 66 27.09 -10.09 -9.87
C GLN A 66 25.96 -9.32 -10.53
N ASN A 67 26.23 -8.06 -10.82
CA ASN A 67 25.34 -7.22 -11.59
C ASN A 67 25.69 -7.44 -13.05
N ASN A 68 24.83 -8.14 -13.80
CA ASN A 68 25.08 -8.36 -15.23
C ASN A 68 24.56 -7.27 -16.16
N GLY A 69 24.04 -6.16 -15.61
CA GLY A 69 23.51 -5.07 -16.45
C GLY A 69 21.99 -5.06 -16.57
N HIS A 70 21.33 -6.17 -16.27
CA HIS A 70 19.85 -6.20 -16.27
C HIS A 70 19.22 -7.00 -15.15
N SER A 71 20.06 -7.53 -14.26
CA SER A 71 19.64 -8.23 -13.06
C SER A 71 20.87 -8.44 -12.12
N VAL A 72 20.59 -9.07 -10.98
CA VAL A 72 21.61 -9.51 -10.07
C VAL A 72 21.51 -11.00 -10.13
N MET A 73 22.67 -11.65 -10.23
CA MET A 73 22.79 -13.05 -10.60
C MET A 73 23.77 -13.81 -9.71
N MET A 74 23.30 -14.86 -9.04
CA MET A 74 24.16 -15.73 -8.29
C MET A 74 24.61 -16.83 -9.21
N LEU A 75 25.91 -17.13 -9.18
CA LEU A 75 26.48 -18.17 -10.02
C LEU A 75 26.40 -19.46 -9.22
N LEU A 76 25.65 -20.44 -9.71
CA LEU A 76 25.42 -21.68 -8.96
C LEU A 76 26.35 -22.83 -9.36
N GLU A 77 26.88 -22.78 -10.59
CA GLU A 77 27.99 -23.66 -10.96
C GLU A 77 27.79 -25.14 -10.60
N ASN A 78 26.67 -25.66 -11.03
CA ASN A 78 26.38 -27.02 -10.81
C ASN A 78 26.43 -27.51 -9.37
N LYS A 79 26.60 -26.62 -8.39
CA LYS A 79 26.64 -26.96 -6.99
C LYS A 79 25.28 -27.32 -6.40
N ALA A 80 24.29 -27.37 -7.27
CA ALA A 80 22.95 -27.78 -6.93
C ALA A 80 22.22 -28.29 -8.15
N SER A 81 21.19 -29.10 -7.90
CA SER A 81 20.41 -29.75 -8.95
C SER A 81 19.03 -30.12 -8.44
N ILE A 82 18.15 -30.45 -9.38
CA ILE A 82 16.78 -30.79 -9.11
C ILE A 82 16.38 -32.02 -9.91
N SER A 83 15.43 -32.75 -9.36
CA SER A 83 14.72 -33.81 -10.07
C SER A 83 13.31 -33.82 -9.54
N GLY A 84 12.49 -34.70 -10.08
CA GLY A 84 11.08 -34.75 -9.73
C GLY A 84 10.40 -33.60 -10.39
N GLY A 85 9.28 -33.16 -9.82
CA GLY A 85 8.60 -31.99 -10.31
C GLY A 85 7.94 -32.24 -11.65
N GLY A 86 7.71 -33.50 -11.95
CA GLY A 86 7.18 -33.91 -13.20
C GLY A 86 8.12 -33.69 -14.35
N LEU A 87 9.42 -33.54 -14.08
CA LEU A 87 10.44 -33.29 -15.08
C LEU A 87 10.97 -34.57 -15.68
N PRO A 88 11.38 -34.52 -16.95
CA PRO A 88 11.86 -35.71 -17.65
C PRO A 88 13.27 -36.21 -17.30
N ALA A 89 14.03 -35.44 -16.55
CA ALA A 89 15.39 -35.75 -16.18
C ALA A 89 15.89 -34.85 -15.04
N PRO A 90 17.05 -35.13 -14.46
CA PRO A 90 17.61 -34.17 -13.53
C PRO A 90 18.17 -32.99 -14.28
N TYR A 91 18.18 -31.84 -13.60
CA TYR A 91 18.69 -30.63 -14.17
C TYR A 91 19.73 -30.06 -13.23
N GLN A 92 20.80 -29.50 -13.78
CA GLN A 92 21.84 -28.88 -12.99
C GLN A 92 21.72 -27.35 -12.88
N ALA A 93 21.84 -26.83 -11.65
CA ALA A 93 21.67 -25.42 -11.40
C ALA A 93 22.82 -24.61 -11.97
N LYS A 94 22.49 -23.56 -12.71
CA LYS A 94 23.48 -22.70 -13.33
C LYS A 94 23.51 -21.33 -12.69
N GLN A 95 22.34 -20.69 -12.54
CA GLN A 95 22.27 -19.36 -11.96
C GLN A 95 20.89 -19.05 -11.39
N LEU A 96 20.91 -18.11 -10.44
CA LEU A 96 19.72 -17.56 -9.83
C LEU A 96 19.68 -16.05 -10.09
N HIS A 97 18.56 -15.52 -10.54
CA HIS A 97 18.46 -14.07 -10.70
C HIS A 97 17.04 -13.59 -10.40
N LEU A 98 16.82 -12.28 -10.44
CA LEU A 98 15.51 -11.70 -10.11
C LEU A 98 15.05 -10.59 -11.06
N HIS A 99 13.77 -10.32 -10.96
CA HIS A 99 13.13 -9.23 -11.66
C HIS A 99 12.30 -8.52 -10.61
N TRP A 100 12.26 -7.19 -10.64
CA TRP A 100 11.53 -6.44 -9.59
C TRP A 100 11.08 -5.05 -10.07
N SER A 101 10.23 -4.41 -9.29
CA SER A 101 9.88 -3.03 -9.45
C SER A 101 10.14 -2.32 -8.11
N ASP A 102 9.48 -1.20 -7.87
CA ASP A 102 9.49 -0.56 -6.54
C ASP A 102 8.07 -0.29 -5.98
N LEU A 103 7.05 -0.88 -6.61
CA LEU A 103 5.67 -0.84 -6.13
C LEU A 103 5.20 -2.29 -5.88
N PRO A 104 4.39 -2.55 -4.83
CA PRO A 104 4.13 -3.96 -4.44
C PRO A 104 3.33 -4.78 -5.43
N TYR A 105 2.62 -4.12 -6.32
CA TYR A 105 1.72 -4.80 -7.24
C TYR A 105 2.31 -5.01 -8.63
N LYS A 106 3.60 -4.76 -8.77
CA LYS A 106 4.32 -5.07 -10.00
C LYS A 106 5.75 -5.42 -9.63
N GLY A 107 6.45 -6.03 -10.59
CA GLY A 107 7.78 -6.58 -10.33
C GLY A 107 7.93 -8.00 -10.85
N SER A 108 6.88 -8.81 -10.81
CA SER A 108 6.93 -10.16 -11.33
C SER A 108 6.73 -10.19 -12.86
N GLU A 109 7.24 -11.24 -13.47
CA GLU A 109 7.17 -11.38 -14.91
C GLU A 109 5.86 -12.11 -15.21
N HIS A 110 5.68 -13.27 -14.58
CA HIS A 110 4.37 -13.93 -14.60
C HIS A 110 3.36 -13.24 -13.68
N SER A 111 2.08 -13.48 -13.98
CA SER A 111 0.98 -13.08 -13.12
C SER A 111 0.10 -14.29 -12.85
N LEU A 112 -0.43 -14.34 -11.61
CA LEU A 112 -1.46 -15.32 -11.20
C LEU A 112 -2.81 -14.63 -11.12
N ASP A 113 -3.70 -15.04 -12.02
CA ASP A 113 -5.05 -14.53 -12.06
C ASP A 113 -5.04 -13.01 -12.20
N GLY A 114 -4.11 -12.49 -12.98
CA GLY A 114 -4.00 -11.06 -13.23
C GLY A 114 -3.31 -10.24 -12.15
N GLU A 115 -2.76 -10.88 -11.11
CA GLU A 115 -2.00 -10.20 -10.06
C GLU A 115 -0.51 -10.41 -10.29
N HIS A 116 0.22 -9.31 -10.34
CA HIS A 116 1.66 -9.30 -10.37
C HIS A 116 2.13 -9.19 -8.96
N PHE A 117 3.26 -9.81 -8.65
CA PHE A 117 3.86 -9.74 -7.34
C PHE A 117 5.03 -8.76 -7.37
N ALA A 118 5.63 -8.52 -6.21
CA ALA A 118 6.63 -7.45 -6.10
C ALA A 118 7.98 -7.81 -6.73
N MET A 119 8.29 -9.10 -6.78
CA MET A 119 9.47 -9.58 -7.51
C MET A 119 9.19 -10.98 -8.00
N GLU A 120 10.03 -11.45 -8.93
CA GLU A 120 10.07 -12.86 -9.34
C GLU A 120 11.50 -13.36 -9.41
N MET A 121 11.78 -14.47 -8.74
CA MET A 121 13.11 -15.10 -8.71
C MET A 121 13.11 -16.31 -9.60
N HIS A 122 14.13 -16.39 -10.44
CA HIS A 122 14.28 -17.46 -11.39
C HIS A 122 15.54 -18.21 -11.05
N ILE A 123 15.42 -19.54 -10.90
CA ILE A 123 16.56 -20.40 -10.77
C ILE A 123 16.65 -21.24 -12.05
N VAL A 124 17.79 -21.11 -12.73
CA VAL A 124 17.96 -21.57 -14.07
C VAL A 124 18.76 -22.86 -14.01
N HIS A 125 18.21 -23.91 -14.60
CA HIS A 125 18.86 -25.23 -14.60
C HIS A 125 18.94 -25.77 -16.02
N GLU A 126 19.91 -26.67 -16.24
CA GLU A 126 20.11 -27.31 -17.55
C GLU A 126 19.97 -28.82 -17.53
N LYS A 127 19.29 -29.31 -18.57
CA LYS A 127 18.88 -30.70 -18.65
C LYS A 127 20.09 -31.62 -18.74
N GLU A 128 20.09 -32.69 -17.93
CA GLU A 128 20.96 -33.84 -18.18
C GLU A 128 20.39 -34.71 -19.30
N LYS A 129 20.90 -34.50 -20.50
CA LYS A 129 20.39 -35.20 -21.68
C LYS A 129 21.00 -36.57 -21.85
N GLY A 130 20.26 -37.48 -22.48
CA GLY A 130 20.79 -38.77 -22.87
C GLY A 130 21.27 -38.69 -24.30
N THR A 131 21.81 -39.78 -24.85
CA THR A 131 21.89 -39.92 -26.30
C THR A 131 20.48 -40.38 -26.76
N SER A 132 20.01 -39.84 -27.89
CA SER A 132 18.68 -40.21 -28.44
C SER A 132 18.76 -41.42 -29.39
N ASP A 140 18.90 -27.52 -26.95
CA ASP A 140 18.39 -28.16 -28.19
C ASP A 140 16.89 -28.55 -28.09
N PRO A 141 16.49 -29.39 -27.10
CA PRO A 141 15.05 -29.67 -26.97
C PRO A 141 14.25 -28.51 -26.36
N GLU A 142 12.92 -28.64 -26.42
CA GLU A 142 11.95 -27.71 -25.81
C GLU A 142 12.13 -27.50 -24.32
N ASP A 143 12.71 -28.50 -23.64
CA ASP A 143 12.84 -28.51 -22.18
C ASP A 143 14.28 -28.62 -21.72
N GLU A 144 15.20 -28.13 -22.54
CA GLU A 144 16.63 -28.03 -22.26
C GLU A 144 16.92 -27.24 -20.97
N ILE A 145 16.12 -26.20 -20.75
CA ILE A 145 16.25 -25.33 -19.60
C ILE A 145 15.01 -25.50 -18.74
N ALA A 146 15.20 -25.77 -17.45
CA ALA A 146 14.18 -25.70 -16.41
C ALA A 146 14.41 -24.48 -15.54
N VAL A 147 13.44 -23.57 -15.54
CA VAL A 147 13.49 -22.40 -14.67
C VAL A 147 12.43 -22.62 -13.63
N LEU A 148 12.87 -22.55 -12.37
CA LEU A 148 11.97 -22.44 -11.22
C LEU A 148 11.69 -20.96 -10.90
N ALA A 149 10.41 -20.59 -10.91
CA ALA A 149 9.99 -19.22 -10.64
C ALA A 149 9.28 -19.10 -9.32
N PHE A 150 9.77 -18.19 -8.48
CA PHE A 150 9.13 -17.88 -7.19
C PHE A 150 8.71 -16.43 -7.19
N LEU A 151 7.46 -16.23 -6.78
CA LEU A 151 6.86 -14.90 -6.66
C LEU A 151 7.19 -14.36 -5.27
N VAL A 152 7.36 -13.05 -5.16
CA VAL A 152 7.75 -12.41 -3.93
C VAL A 152 6.67 -11.41 -3.58
N GLU A 153 6.09 -11.59 -2.41
CA GLU A 153 5.05 -10.74 -1.88
C GLU A 153 5.65 -9.78 -0.85
N ALA A 154 5.38 -8.50 -1.00
CA ALA A 154 5.95 -7.49 -0.11
C ALA A 154 5.18 -7.47 1.17
N GLY A 155 5.86 -7.30 2.30
CA GLY A 155 5.16 -7.12 3.58
C GLY A 155 6.00 -6.48 4.67
N THR A 156 5.71 -6.81 5.93
CA THR A 156 6.51 -6.33 7.08
C THR A 156 7.37 -7.43 7.73
N GLN A 157 7.36 -8.61 7.14
CA GLN A 157 8.18 -9.68 7.68
C GLN A 157 9.60 -9.54 7.17
N VAL A 158 10.56 -9.47 8.08
CA VAL A 158 11.94 -9.47 7.66
C VAL A 158 12.32 -10.91 7.31
N ASN A 159 12.77 -11.13 6.07
CA ASN A 159 13.24 -12.43 5.67
C ASN A 159 14.73 -12.50 5.99
N GLU A 160 15.08 -13.19 7.06
CA GLU A 160 16.48 -13.31 7.46
C GLU A 160 17.27 -14.09 6.41
N GLY A 161 16.66 -15.08 5.80
CA GLY A 161 17.31 -15.87 4.73
C GLY A 161 17.86 -15.05 3.57
N PHE A 162 17.14 -13.99 3.20
CA PHE A 162 17.56 -13.06 2.14
C PHE A 162 18.65 -12.07 2.48
N GLN A 163 18.97 -11.90 3.77
CA GLN A 163 19.84 -10.79 4.16
C GLN A 163 21.29 -10.85 3.60
N PRO A 164 21.87 -12.06 3.50
CA PRO A 164 23.16 -12.09 2.78
C PRO A 164 23.06 -11.51 1.37
N LEU A 165 22.05 -11.90 0.61
CA LEU A 165 21.91 -11.34 -0.73
C LEU A 165 21.68 -9.84 -0.72
N VAL A 166 20.78 -9.38 0.16
CA VAL A 166 20.43 -7.96 0.21
C VAL A 166 21.66 -7.11 0.61
N GLU A 167 22.43 -7.59 1.59
CA GLU A 167 23.65 -6.91 2.02
C GLU A 167 24.70 -6.84 0.92
N ALA A 168 24.76 -7.85 0.06
CA ALA A 168 25.71 -7.85 -1.07
C ALA A 168 25.45 -6.79 -2.11
N LEU A 169 24.19 -6.40 -2.29
CA LEU A 169 23.81 -5.51 -3.39
C LEU A 169 24.56 -4.21 -3.36
N SER A 170 24.84 -3.69 -2.15
CA SER A 170 25.63 -2.47 -1.97
C SER A 170 26.98 -2.53 -2.68
N ASN A 171 27.52 -3.73 -2.89
CA ASN A 171 28.87 -3.90 -3.45
C ASN A 171 28.94 -4.05 -4.95
N ILE A 172 27.78 -4.20 -5.61
CA ILE A 172 27.74 -4.41 -7.04
C ILE A 172 26.73 -3.47 -7.71
N PRO A 173 26.86 -2.16 -7.48
CA PRO A 173 25.90 -1.22 -8.08
C PRO A 173 25.97 -1.11 -9.58
N LYS A 174 27.12 -1.40 -10.18
CA LYS A 174 27.27 -1.20 -11.61
C LYS A 174 27.42 -2.51 -12.32
N PRO A 175 27.01 -2.56 -13.59
CA PRO A 175 27.24 -3.77 -14.39
C PRO A 175 28.72 -4.22 -14.42
N GLU A 176 28.86 -5.55 -14.40
CA GLU A 176 30.12 -6.26 -14.43
C GLU A 176 30.87 -6.30 -13.11
N MET A 177 30.25 -5.75 -12.05
CA MET A 177 30.78 -5.92 -10.70
C MET A 177 30.27 -7.20 -10.04
N SER A 178 31.17 -7.86 -9.29
CA SER A 178 30.89 -9.09 -8.56
C SER A 178 31.32 -8.92 -7.15
N THR A 179 30.73 -9.73 -6.29
CA THR A 179 31.13 -9.82 -4.91
C THR A 179 30.77 -11.20 -4.40
N THR A 180 31.15 -11.47 -3.16
CA THR A 180 30.87 -12.75 -2.51
C THR A 180 29.89 -12.51 -1.38
N MET A 181 28.81 -13.28 -1.39
CA MET A 181 27.82 -13.19 -0.35
C MET A 181 28.33 -13.89 0.90
N ALA A 182 27.75 -13.51 2.05
CA ALA A 182 27.97 -14.22 3.30
C ALA A 182 27.35 -15.59 3.16
N GLU A 183 27.94 -16.57 3.84
CA GLU A 183 27.43 -17.93 3.97
C GLU A 183 25.87 -18.05 3.90
N SER A 184 25.35 -18.89 3.03
CA SER A 184 23.89 -19.01 2.88
C SER A 184 23.53 -20.17 1.97
N SER A 185 22.31 -20.66 2.11
CA SER A 185 21.83 -21.74 1.28
C SER A 185 20.75 -21.24 0.38
N LEU A 186 20.48 -22.04 -0.65
CA LEU A 186 19.41 -21.73 -1.60
C LEU A 186 18.06 -21.80 -0.88
N LEU A 187 17.88 -22.76 0.02
CA LEU A 187 16.63 -22.88 0.81
C LEU A 187 16.34 -21.68 1.68
N ASP A 188 17.39 -20.96 2.07
CA ASP A 188 17.24 -19.71 2.82
C ASP A 188 16.46 -18.71 2.03
N LEU A 189 16.48 -18.81 0.70
CA LEU A 189 15.80 -17.88 -0.19
C LEU A 189 14.37 -18.30 -0.57
N LEU A 190 14.00 -19.53 -0.25
CA LEU A 190 12.76 -20.12 -0.75
C LEU A 190 11.75 -20.25 0.37
N PRO A 191 10.47 -20.41 0.00
CA PRO A 191 9.47 -20.82 0.98
C PRO A 191 9.82 -22.19 1.63
N LYS A 192 9.15 -22.55 2.72
CA LYS A 192 9.36 -23.85 3.34
C LYS A 192 9.08 -24.91 2.30
N GLU A 193 9.90 -25.94 2.28
CA GLU A 193 9.88 -26.93 1.20
C GLU A 193 8.50 -27.60 1.07
N GLU A 194 7.88 -27.94 2.19
CA GLU A 194 6.52 -28.51 2.21
C GLU A 194 5.49 -27.61 1.46
N LYS A 195 5.75 -26.31 1.39
CA LYS A 195 4.84 -25.44 0.67
C LYS A 195 5.06 -25.39 -0.85
N LEU A 196 6.09 -26.07 -1.35
CA LEU A 196 6.39 -26.09 -2.77
C LEU A 196 5.76 -27.28 -3.55
N ARG A 197 4.75 -27.91 -2.96
CA ARG A 197 4.01 -29.03 -3.62
C ARG A 197 3.05 -28.52 -4.71
N HIS A 198 2.58 -27.28 -4.56
CA HIS A 198 1.65 -26.65 -5.51
C HIS A 198 2.40 -25.77 -6.48
N TYR A 199 2.37 -26.14 -7.76
CA TYR A 199 3.00 -25.33 -8.80
C TYR A 199 2.30 -25.48 -10.12
N PHE A 200 2.54 -24.50 -10.98
CA PHE A 200 2.02 -24.49 -12.34
C PHE A 200 3.19 -24.82 -13.26
N ARG A 201 2.86 -25.37 -14.44
CA ARG A 201 3.83 -25.90 -15.38
C ARG A 201 3.36 -25.61 -16.78
N TYR A 202 4.25 -25.07 -17.60
CA TYR A 202 4.02 -24.92 -19.03
C TYR A 202 5.36 -24.85 -19.77
N LEU A 203 5.29 -24.91 -21.11
CA LEU A 203 6.44 -24.76 -22.00
C LEU A 203 6.55 -23.39 -22.63
N GLY A 204 7.75 -22.81 -22.60
CA GLY A 204 7.91 -21.43 -23.10
C GLY A 204 9.34 -21.08 -23.44
N SER A 205 9.67 -19.81 -23.20
CA SER A 205 10.94 -19.26 -23.58
C SER A 205 11.66 -18.61 -22.41
N LEU A 206 12.93 -18.30 -22.67
CA LEU A 206 13.68 -17.35 -21.88
C LEU A 206 13.05 -15.97 -22.09
N THR A 207 13.12 -15.13 -21.06
CA THR A 207 12.50 -13.82 -21.08
C THR A 207 13.42 -12.65 -21.37
N THR A 208 14.64 -12.94 -21.81
CA THR A 208 15.50 -11.92 -22.42
C THR A 208 16.04 -12.46 -23.74
N PRO A 209 16.40 -11.55 -24.66
CA PRO A 209 16.95 -11.99 -25.96
C PRO A 209 18.12 -12.94 -25.78
N THR A 210 18.23 -14.01 -26.57
CA THR A 210 17.43 -14.26 -27.76
C THR A 210 16.07 -14.95 -27.56
N CYS A 211 15.58 -15.04 -26.32
CA CYS A 211 14.23 -15.59 -26.04
C CYS A 211 13.99 -16.99 -26.63
N ASP A 212 14.99 -17.84 -26.53
CA ASP A 212 14.89 -19.19 -27.10
C ASP A 212 13.78 -19.97 -26.44
N GLU A 213 13.01 -20.69 -27.26
CA GLU A 213 11.87 -21.46 -26.84
C GLU A 213 12.28 -22.87 -26.40
N LYS A 214 12.96 -22.92 -25.25
CA LYS A 214 13.54 -24.17 -24.76
C LYS A 214 13.46 -24.32 -23.24
N VAL A 215 12.46 -23.67 -22.68
CA VAL A 215 12.29 -23.62 -21.27
C VAL A 215 11.04 -24.39 -20.83
N VAL A 216 11.22 -25.24 -19.82
CA VAL A 216 10.12 -25.83 -19.12
C VAL A 216 9.98 -25.01 -17.85
N TRP A 217 8.85 -24.32 -17.76
CA TRP A 217 8.57 -23.38 -16.68
C TRP A 217 7.85 -24.06 -15.52
N THR A 218 8.26 -23.67 -14.32
CA THR A 218 7.53 -23.99 -13.09
C THR A 218 7.32 -22.69 -12.33
N VAL A 219 6.08 -22.41 -11.98
CA VAL A 219 5.77 -21.24 -11.18
C VAL A 219 5.09 -21.74 -9.94
N PHE A 220 5.73 -21.54 -8.79
CA PHE A 220 5.20 -22.06 -7.54
C PHE A 220 4.12 -21.13 -7.07
N ARG A 221 3.08 -21.71 -6.47
CA ARG A 221 1.94 -20.93 -5.99
C ARG A 221 2.28 -20.10 -4.74
N GLU A 222 3.10 -20.69 -3.86
CA GLU A 222 3.47 -20.05 -2.62
C GLU A 222 4.55 -18.96 -2.81
N PRO A 223 4.21 -17.71 -2.45
CA PRO A 223 5.19 -16.63 -2.55
C PRO A 223 6.25 -16.60 -1.45
N ILE A 224 7.40 -16.07 -1.77
CA ILE A 224 8.36 -15.67 -0.76
C ILE A 224 7.86 -14.36 -0.12
N GLN A 225 7.91 -14.29 1.19
CA GLN A 225 7.58 -13.06 1.92
C GLN A 225 8.88 -12.28 2.14
N LEU A 226 8.90 -11.05 1.64
CA LEU A 226 10.02 -10.13 1.84
C LEU A 226 9.51 -8.83 2.35
N HIS A 227 10.25 -8.22 3.28
CA HIS A 227 9.93 -6.88 3.77
C HIS A 227 10.02 -5.89 2.61
N ARG A 228 9.09 -4.95 2.59
CA ARG A 228 9.12 -3.86 1.61
C ARG A 228 10.51 -3.30 1.38
N GLU A 229 11.18 -2.93 2.45
CA GLU A 229 12.51 -2.34 2.35
C GLU A 229 13.63 -3.28 1.85
N GLN A 230 13.51 -4.59 2.07
CA GLN A 230 14.42 -5.56 1.43
C GLN A 230 14.21 -5.57 -0.10
N ILE A 231 12.95 -5.44 -0.53
CA ILE A 231 12.63 -5.30 -1.95
C ILE A 231 13.21 -3.98 -2.51
N LEU A 232 12.97 -2.88 -1.79
CA LEU A 232 13.42 -1.57 -2.22
C LEU A 232 14.96 -1.46 -2.36
N ALA A 233 15.68 -2.25 -1.55
CA ALA A 233 17.12 -2.35 -1.58
C ALA A 233 17.65 -2.70 -2.98
N PHE A 234 16.85 -3.46 -3.74
CA PHE A 234 17.24 -3.79 -5.11
C PHE A 234 17.29 -2.51 -5.98
N SER A 235 16.20 -1.74 -6.03
CA SER A 235 16.21 -0.52 -6.84
C SER A 235 17.03 0.59 -6.23
N GLN A 236 17.27 0.53 -4.92
CA GLN A 236 18.07 1.56 -4.27
C GLN A 236 19.59 1.41 -4.46
N LYS A 237 20.06 0.18 -4.58
CA LYS A 237 21.50 -0.11 -4.63
C LYS A 237 22.03 -0.44 -5.98
N LEU A 238 21.17 -0.80 -6.92
CA LEU A 238 21.63 -1.27 -8.22
C LEU A 238 21.32 -0.29 -9.38
N TYR A 239 22.21 -0.29 -10.37
CA TYR A 239 22.02 0.44 -11.62
C TYR A 239 22.12 -0.42 -12.89
N TYR A 240 21.38 -0.01 -13.92
CA TYR A 240 21.51 -0.60 -15.24
C TYR A 240 22.84 -0.27 -15.90
N ASP A 241 23.47 0.83 -15.51
CA ASP A 241 24.58 1.40 -16.27
C ASP A 241 25.74 1.84 -15.34
N LYS A 242 26.94 1.89 -15.89
CA LYS A 242 28.08 2.31 -15.14
C LYS A 242 27.98 3.77 -14.75
N GLU A 243 27.28 4.57 -15.58
CA GLU A 243 27.04 5.99 -15.29
C GLU A 243 26.07 6.20 -14.10
N GLN A 244 25.40 5.13 -13.71
CA GLN A 244 24.44 5.12 -12.59
C GLN A 244 23.31 6.19 -12.75
N THR A 245 22.80 6.33 -13.97
CA THR A 245 21.73 7.26 -14.27
C THR A 245 20.33 6.63 -14.20
N VAL A 246 20.24 5.31 -14.31
CA VAL A 246 18.96 4.61 -14.26
C VAL A 246 19.07 3.51 -13.21
N SER A 247 18.40 3.73 -12.08
CA SER A 247 18.26 2.73 -11.04
C SER A 247 17.66 1.43 -11.61
N MET A 248 18.22 0.28 -11.22
CA MET A 248 17.74 -1.01 -11.75
C MET A 248 16.41 -1.40 -11.12
N LYS A 249 15.37 -1.35 -11.95
CA LYS A 249 14.04 -1.77 -11.56
C LYS A 249 13.22 -1.89 -12.85
N ASP A 250 12.03 -2.47 -12.74
CA ASP A 250 11.19 -2.74 -13.91
C ASP A 250 11.96 -3.48 -14.99
N ASN A 251 12.79 -4.42 -14.54
CA ASN A 251 13.55 -5.29 -15.42
C ASN A 251 12.63 -6.49 -15.69
N VAL A 252 11.50 -6.20 -16.36
CA VAL A 252 10.40 -7.12 -16.52
C VAL A 252 9.95 -7.12 -17.99
N ARG A 253 9.89 -8.31 -18.56
CA ARG A 253 9.34 -8.45 -19.90
C ARG A 253 7.84 -8.45 -19.84
N PRO A 254 7.21 -7.70 -20.76
CA PRO A 254 5.75 -7.69 -20.77
C PRO A 254 5.15 -9.07 -21.08
N LEU A 255 3.89 -9.22 -20.68
CA LEU A 255 3.16 -10.47 -20.82
C LEU A 255 3.01 -10.88 -22.27
N GLN A 256 3.18 -12.19 -22.50
CA GLN A 256 3.07 -12.80 -23.80
C GLN A 256 1.80 -13.65 -23.88
N GLN A 257 1.36 -13.92 -25.13
CA GLN A 257 0.13 -14.68 -25.35
C GLN A 257 0.41 -16.17 -25.27
N LEU A 258 -0.48 -16.86 -24.55
CA LEU A 258 -0.41 -18.29 -24.35
C LEU A 258 -0.61 -18.99 -25.65
N GLY A 259 -1.45 -18.41 -26.51
CA GLY A 259 -1.78 -19.02 -27.76
C GLY A 259 -2.47 -20.34 -27.50
N GLN A 260 -2.06 -21.38 -28.22
CA GLN A 260 -2.69 -22.70 -28.10
C GLN A 260 -2.04 -23.64 -27.08
N ARG A 261 -1.05 -23.13 -26.33
CA ARG A 261 -0.43 -23.88 -25.24
C ARG A 261 -1.37 -24.12 -24.08
N THR A 262 -1.06 -25.14 -23.29
CA THR A 262 -1.82 -25.50 -22.11
C THR A 262 -0.92 -25.36 -20.87
N VAL A 263 -1.49 -24.80 -19.79
CA VAL A 263 -0.83 -24.70 -18.51
C VAL A 263 -1.44 -25.81 -17.65
N ILE A 264 -0.59 -26.56 -16.95
CA ILE A 264 -1.05 -27.59 -16.01
C ILE A 264 -0.53 -27.26 -14.60
N LYS A 265 -1.02 -27.98 -13.61
CA LYS A 265 -0.63 -27.79 -12.21
C LYS A 265 -0.60 -29.09 -11.45
N SER A 266 0.09 -29.07 -10.31
CA SER A 266 0.22 -30.26 -9.46
C SER A 266 -1.06 -30.45 -8.65
N HIS B 4 30.51 14.41 12.44
CA HIS B 4 30.31 13.68 13.73
C HIS B 4 28.83 13.43 14.03
N TRP B 5 27.95 14.42 13.86
CA TRP B 5 26.51 14.16 14.05
C TRP B 5 25.94 13.36 12.89
N CYS B 6 24.95 12.52 13.16
CA CYS B 6 24.29 11.78 12.10
C CYS B 6 22.82 11.52 12.45
N TYR B 7 22.15 10.91 11.50
CA TYR B 7 20.85 10.37 11.72
C TYR B 7 20.98 8.90 12.15
N GLU B 8 19.95 8.41 12.83
CA GLU B 8 19.96 7.06 13.37
C GLU B 8 20.34 5.99 12.32
N VAL B 9 19.69 6.06 11.16
CA VAL B 9 19.97 5.15 10.08
C VAL B 9 21.45 5.10 9.69
N GLN B 10 22.18 6.19 9.82
CA GLN B 10 23.63 6.16 9.47
C GLN B 10 24.48 5.35 10.46
N ALA B 11 24.23 5.54 11.75
CA ALA B 11 24.79 4.70 12.80
C ALA B 11 24.45 3.22 12.59
N GLU B 12 23.22 2.93 12.20
CA GLU B 12 22.80 1.54 11.99
C GLU B 12 23.45 0.85 10.81
N SER B 13 23.77 1.62 9.77
CA SER B 13 24.28 1.09 8.51
C SER B 13 25.79 1.20 8.41
N SER B 14 26.47 1.60 9.46
CA SER B 14 27.89 1.87 9.36
C SER B 14 28.58 1.57 10.67
N ASN B 15 29.86 1.22 10.59
CA ASN B 15 30.72 1.05 11.78
C ASN B 15 31.37 2.36 12.14
N TYR B 16 31.44 3.29 11.18
CA TYR B 16 31.93 4.65 11.42
C TYR B 16 31.20 5.24 12.64
N PRO B 17 31.97 5.78 13.60
CA PRO B 17 31.32 6.28 14.82
C PRO B 17 30.54 7.53 14.47
N CYS B 18 29.36 7.73 15.06
CA CYS B 18 28.66 9.02 14.87
C CYS B 18 27.63 9.33 15.94
N LEU B 19 27.43 10.61 16.22
CA LEU B 19 26.46 11.08 17.22
C LEU B 19 25.01 11.03 16.68
N VAL B 20 24.25 10.06 17.14
CA VAL B 20 22.84 9.93 16.73
C VAL B 20 21.96 11.03 17.34
N PRO B 21 20.75 11.27 16.76
CA PRO B 21 19.95 12.45 17.14
C PRO B 21 19.62 12.60 18.62
N VAL B 22 19.30 11.52 19.30
CA VAL B 22 19.08 11.63 20.74
C VAL B 22 20.30 12.04 21.59
N LYS B 23 21.52 12.00 21.01
CA LYS B 23 22.72 12.35 21.70
C LYS B 23 23.33 13.68 21.25
N TRP B 24 22.71 14.39 20.33
CA TRP B 24 23.18 15.68 19.91
C TRP B 24 23.25 16.64 21.13
N GLY B 25 24.32 17.42 21.22
CA GLY B 25 24.54 18.38 22.29
C GLY B 25 24.40 19.85 21.96
N GLY B 26 24.99 20.77 22.72
CA GLY B 26 24.85 22.15 22.44
C GLY B 26 23.42 22.54 22.56
N ASN B 27 22.96 23.35 21.60
CA ASN B 27 21.63 23.95 21.70
C ASN B 27 20.52 22.94 21.49
N CYS B 28 20.85 21.78 20.90
CA CYS B 28 19.95 20.61 20.78
C CYS B 28 19.38 20.11 22.12
N GLN B 29 20.04 20.44 23.22
CA GLN B 29 19.60 20.12 24.59
C GLN B 29 18.62 21.14 25.17
N LYS B 30 18.32 22.22 24.47
CA LYS B 30 17.41 23.26 25.00
C LYS B 30 15.96 22.82 24.86
N ASP B 31 14.98 23.68 25.19
CA ASP B 31 13.58 23.21 25.29
C ASP B 31 12.55 23.97 24.44
N ARG B 32 13.04 24.63 23.39
CA ARG B 32 12.22 25.15 22.31
C ARG B 32 12.70 24.57 20.97
N GLN B 33 12.79 23.24 20.92
CA GLN B 33 13.25 22.51 19.71
C GLN B 33 12.15 22.10 18.72
N SER B 34 12.59 21.77 17.52
CA SER B 34 11.74 21.28 16.45
C SER B 34 12.35 19.98 15.87
N PRO B 35 11.56 19.13 15.24
CA PRO B 35 10.17 19.32 14.95
C PRO B 35 9.32 18.84 16.08
N ILE B 36 8.02 19.03 15.86
CA ILE B 36 6.99 18.67 16.79
C ILE B 36 5.83 17.99 16.10
N ASN B 37 5.01 17.37 16.95
CA ASN B 37 3.67 16.91 16.63
C ASN B 37 2.64 18.05 16.86
N ILE B 38 1.86 18.38 15.84
CA ILE B 38 0.82 19.39 15.98
C ILE B 38 -0.50 18.69 16.23
N VAL B 39 -1.10 18.94 17.40
CA VAL B 39 -2.45 18.46 17.69
C VAL B 39 -3.32 19.58 17.11
N THR B 40 -3.94 19.29 15.98
CA THR B 40 -4.51 20.33 15.13
C THR B 40 -5.68 21.04 15.77
N THR B 41 -6.56 20.29 16.44
CA THR B 41 -7.62 20.91 17.24
C THR B 41 -7.13 21.72 18.45
N LYS B 42 -5.89 21.53 18.90
CA LYS B 42 -5.35 22.38 19.99
C LYS B 42 -4.67 23.65 19.49
N ALA B 43 -4.55 23.83 18.19
CA ALA B 43 -3.86 24.99 17.66
C ALA B 43 -4.86 26.13 17.65
N LYS B 44 -4.55 27.23 18.33
CA LYS B 44 -5.47 28.37 18.39
C LYS B 44 -5.40 29.21 17.11
N VAL B 45 -6.56 29.53 16.53
CA VAL B 45 -6.64 30.47 15.40
C VAL B 45 -6.19 31.88 15.79
N ASP B 46 -5.31 32.50 15.00
CA ASP B 46 -4.88 33.90 15.18
C ASP B 46 -5.20 34.68 13.91
N LYS B 47 -6.12 35.63 14.03
CA LYS B 47 -6.53 36.49 12.91
C LYS B 47 -5.38 37.35 12.35
N LYS B 48 -4.37 37.66 13.16
CA LYS B 48 -3.13 38.31 12.69
C LYS B 48 -2.32 37.51 11.65
N LEU B 49 -2.57 36.20 11.54
CA LEU B 49 -1.89 35.36 10.52
C LEU B 49 -2.54 35.43 9.14
N GLY B 50 -2.10 36.42 8.38
CA GLY B 50 -2.61 36.68 7.05
C GLY B 50 -1.82 35.95 5.98
N ARG B 51 -2.18 36.23 4.74
CA ARG B 51 -1.60 35.54 3.61
C ARG B 51 -0.12 35.87 3.44
N PHE B 52 0.60 34.95 2.85
CA PHE B 52 1.97 35.19 2.48
C PHE B 52 2.00 35.97 1.17
N PHE B 53 3.06 36.76 1.01
CA PHE B 53 3.38 37.40 -0.23
C PHE B 53 4.67 36.76 -0.67
N PHE B 54 4.66 36.13 -1.83
CA PHE B 54 5.79 35.41 -2.34
C PHE B 54 6.40 36.27 -3.39
N SER B 55 7.71 36.46 -3.33
CA SER B 55 8.40 37.23 -4.34
C SER B 55 9.52 36.41 -4.97
N GLY B 56 9.48 36.31 -6.30
CA GLY B 56 10.45 35.51 -7.04
C GLY B 56 10.13 34.02 -7.11
N TYR B 57 9.00 33.63 -6.54
CA TYR B 57 8.61 32.23 -6.51
C TYR B 57 8.08 31.74 -7.85
N ASP B 58 7.61 32.66 -8.67
CA ASP B 58 6.98 32.32 -9.94
C ASP B 58 7.95 32.24 -11.11
N LYS B 59 9.18 32.72 -10.95
CA LYS B 59 10.06 32.87 -12.10
C LYS B 59 10.89 31.60 -12.39
N LYS B 60 10.90 31.23 -13.68
CA LYS B 60 11.70 30.11 -14.19
C LYS B 60 13.13 30.48 -14.06
N GLN B 61 13.92 29.57 -13.52
CA GLN B 61 15.32 29.76 -13.24
C GLN B 61 15.90 28.39 -13.49
N THR B 62 17.21 28.32 -13.69
CA THR B 62 17.95 27.07 -13.58
C THR B 62 18.66 27.15 -12.22
N TRP B 63 18.42 26.21 -11.34
CA TRP B 63 18.93 26.31 -9.97
C TRP B 63 20.14 25.41 -9.85
N THR B 64 21.03 25.80 -8.96
CA THR B 64 22.06 24.90 -8.46
C THR B 64 21.48 24.02 -7.34
N VAL B 65 21.73 22.72 -7.45
CA VAL B 65 21.28 21.74 -6.47
C VAL B 65 22.41 20.78 -6.13
N GLN B 66 22.58 20.53 -4.83
CA GLN B 66 23.68 19.72 -4.34
C GLN B 66 23.32 18.77 -3.22
N ASN B 67 24.16 17.74 -3.09
CA ASN B 67 24.10 16.75 -2.04
C ASN B 67 25.03 17.23 -0.98
N ASN B 68 24.51 17.54 0.20
CA ASN B 68 25.38 18.02 1.31
C ASN B 68 25.74 16.94 2.35
N GLY B 69 25.48 15.67 2.03
CA GLY B 69 25.67 14.59 2.98
C GLY B 69 24.50 14.36 3.93
N HIS B 70 23.51 15.25 3.92
CA HIS B 70 22.34 15.14 4.85
C HIS B 70 21.00 15.19 4.16
N SER B 71 20.98 15.80 2.98
CA SER B 71 19.80 16.12 2.20
C SER B 71 20.25 16.44 0.80
N VAL B 72 19.27 16.76 -0.03
CA VAL B 72 19.49 17.41 -1.30
C VAL B 72 19.03 18.86 -1.09
N MET B 73 19.83 19.81 -1.56
CA MET B 73 19.60 21.24 -1.29
C MET B 73 19.70 22.10 -2.57
N MET B 74 18.62 22.81 -2.90
CA MET B 74 18.62 23.85 -3.94
C MET B 74 19.12 25.20 -3.38
N LEU B 75 20.08 25.83 -4.06
CA LEU B 75 20.61 27.10 -3.59
C LEU B 75 19.72 28.21 -4.12
N LEU B 76 19.14 28.99 -3.23
CA LEU B 76 18.20 30.01 -3.63
C LEU B 76 18.76 31.43 -3.67
N GLU B 77 19.91 31.68 -3.03
CA GLU B 77 20.75 32.85 -3.32
C GLU B 77 20.01 34.19 -3.47
N ASN B 78 19.05 34.40 -2.62
CA ASN B 78 18.27 35.59 -2.64
C ASN B 78 17.50 35.84 -3.93
N LYS B 79 17.35 34.83 -4.79
CA LYS B 79 16.57 34.92 -6.00
C LYS B 79 15.10 35.02 -5.61
N ALA B 80 14.78 34.82 -4.33
CA ALA B 80 13.40 34.88 -3.84
C ALA B 80 13.25 35.34 -2.38
N SER B 81 12.02 35.70 -2.03
CA SER B 81 11.76 36.28 -0.74
C SER B 81 10.30 36.16 -0.34
N ILE B 82 10.01 36.36 0.93
CA ILE B 82 8.63 36.31 1.41
C ILE B 82 8.35 37.45 2.38
N SER B 83 7.10 37.88 2.44
CA SER B 83 6.62 38.73 3.52
C SER B 83 5.19 38.32 3.81
N GLY B 84 4.58 39.01 4.76
CA GLY B 84 3.25 38.69 5.19
C GLY B 84 3.31 37.46 6.07
N GLY B 85 2.28 36.62 6.02
CA GLY B 85 2.27 35.40 6.84
C GLY B 85 2.47 35.64 8.34
N GLY B 86 1.97 36.77 8.83
CA GLY B 86 2.22 37.16 10.19
C GLY B 86 3.67 37.39 10.56
N LEU B 87 4.57 37.51 9.59
CA LEU B 87 6.00 37.68 9.87
C LEU B 87 6.28 39.15 10.19
N PRO B 88 7.26 39.40 11.05
CA PRO B 88 7.52 40.78 11.45
C PRO B 88 8.42 41.57 10.47
N ALA B 89 8.97 40.90 9.44
CA ALA B 89 9.87 41.51 8.45
C ALA B 89 9.82 40.69 7.17
N PRO B 90 10.39 41.20 6.06
CA PRO B 90 10.63 40.33 4.92
C PRO B 90 11.80 39.37 5.19
N TYR B 91 11.77 38.22 4.51
CA TYR B 91 12.79 37.19 4.68
C TYR B 91 13.29 36.77 3.29
N GLN B 92 14.60 36.65 3.16
CA GLN B 92 15.22 36.26 1.90
C GLN B 92 15.38 34.74 1.84
N ALA B 93 14.97 34.14 0.74
CA ALA B 93 15.14 32.72 0.53
C ALA B 93 16.63 32.38 0.40
N LYS B 94 17.09 31.37 1.15
CA LYS B 94 18.49 30.91 1.10
C LYS B 94 18.66 29.55 0.42
N GLN B 95 17.82 28.59 0.82
CA GLN B 95 17.95 27.24 0.33
C GLN B 95 16.67 26.46 0.54
N LEU B 96 16.48 25.49 -0.33
CA LEU B 96 15.37 24.58 -0.24
C LEU B 96 15.96 23.17 -0.06
N HIS B 97 15.49 22.41 0.90
CA HIS B 97 15.91 21.01 1.03
C HIS B 97 14.75 20.12 1.49
N LEU B 98 15.01 18.81 1.53
CA LEU B 98 13.97 17.84 1.89
C LEU B 98 14.40 16.78 2.90
N HIS B 99 13.40 16.19 3.54
CA HIS B 99 13.56 15.07 4.46
C HIS B 99 12.59 14.00 3.98
N TRP B 100 12.95 12.74 4.08
CA TRP B 100 12.05 11.68 3.55
C TRP B 100 12.42 10.28 4.04
N SER B 101 11.56 9.31 3.72
CA SER B 101 11.84 7.89 3.92
C SER B 101 11.50 7.19 2.62
N ASP B 102 11.27 5.87 2.70
CA ASP B 102 10.86 5.06 1.53
C ASP B 102 9.57 4.27 1.81
N LEU B 103 8.85 4.65 2.85
CA LEU B 103 7.51 4.12 3.14
C LEU B 103 6.59 5.30 3.34
N PRO B 104 5.34 5.19 2.86
CA PRO B 104 4.43 6.37 2.80
C PRO B 104 3.98 6.92 4.12
N TYR B 105 4.10 6.13 5.18
CA TYR B 105 3.63 6.52 6.52
C TYR B 105 4.70 7.23 7.33
N LYS B 106 5.83 7.55 6.69
CA LYS B 106 6.94 8.27 7.32
C LYS B 106 7.86 8.94 6.31
N GLY B 107 8.63 9.87 6.82
CA GLY B 107 9.51 10.70 6.00
C GLY B 107 9.48 12.17 6.38
N SER B 108 8.37 12.63 6.96
CA SER B 108 8.29 14.01 7.41
C SER B 108 8.90 14.17 8.81
N GLU B 109 9.25 15.39 9.15
CA GLU B 109 9.75 15.72 10.49
C GLU B 109 8.61 16.08 11.44
N HIS B 110 7.75 16.98 10.97
CA HIS B 110 6.50 17.30 11.65
C HIS B 110 5.44 16.23 11.38
N SER B 111 4.54 16.09 12.34
CA SER B 111 3.36 15.25 12.17
C SER B 111 2.11 16.05 12.58
N LEU B 112 0.98 15.74 11.94
CA LEU B 112 -0.29 16.37 12.25
C LEU B 112 -1.17 15.33 12.90
N ASP B 113 -1.55 15.56 14.14
CA ASP B 113 -2.32 14.58 14.92
C ASP B 113 -1.74 13.19 14.83
N GLY B 114 -0.41 13.13 14.91
CA GLY B 114 0.29 11.89 14.85
C GLY B 114 0.55 11.29 13.47
N GLU B 115 0.00 11.88 12.40
CA GLU B 115 0.25 11.33 11.04
C GLU B 115 1.48 11.99 10.48
N HIS B 116 2.44 11.18 10.06
CA HIS B 116 3.62 11.62 9.35
C HIS B 116 3.34 11.46 7.85
N PHE B 117 4.00 12.27 7.06
CA PHE B 117 3.86 12.25 5.62
C PHE B 117 5.11 11.62 4.99
N ALA B 118 5.05 11.35 3.69
CA ALA B 118 6.12 10.62 2.99
C ALA B 118 7.38 11.45 2.85
N MET B 119 7.23 12.78 2.71
CA MET B 119 8.39 13.68 2.77
C MET B 119 7.98 14.98 3.46
N GLU B 120 8.98 15.80 3.74
CA GLU B 120 8.76 17.17 4.17
C GLU B 120 9.77 18.07 3.48
N MET B 121 9.28 19.16 2.90
CA MET B 121 10.10 20.17 2.20
C MET B 121 10.26 21.43 3.07
N HIS B 122 11.49 21.92 3.18
CA HIS B 122 11.81 23.11 3.95
C HIS B 122 12.43 24.22 3.10
N ILE B 123 11.78 25.37 3.01
CA ILE B 123 12.39 26.51 2.34
C ILE B 123 12.86 27.47 3.42
N VAL B 124 14.17 27.63 3.50
CA VAL B 124 14.84 28.28 4.59
C VAL B 124 15.14 29.72 4.15
N HIS B 125 14.66 30.68 4.95
CA HIS B 125 14.78 32.09 4.66
C HIS B 125 15.43 32.81 5.86
N GLU B 126 16.07 33.93 5.56
CA GLU B 126 16.70 34.77 6.57
C GLU B 126 16.10 36.17 6.69
N LYS B 127 15.94 36.61 7.94
CA LYS B 127 15.28 37.86 8.28
C LYS B 127 16.08 39.04 7.72
N GLU B 128 15.38 40.03 7.17
CA GLU B 128 16.03 41.24 6.72
C GLU B 128 16.00 42.17 7.92
N LYS B 129 17.09 42.24 8.65
CA LYS B 129 17.12 43.03 9.87
C LYS B 129 17.59 44.42 9.58
N GLY B 130 17.40 45.29 10.56
CA GLY B 130 17.94 46.65 10.54
C GLY B 130 19.16 46.70 11.41
N THR B 131 19.85 47.84 11.45
CA THR B 131 21.10 47.96 12.22
C THR B 131 20.89 47.70 13.72
N ASP B 140 21.16 38.11 17.41
CA ASP B 140 20.38 37.17 16.60
C ASP B 140 19.06 36.78 17.32
N PRO B 141 17.90 37.18 16.75
CA PRO B 141 16.66 36.94 17.47
C PRO B 141 16.08 35.55 17.21
N GLU B 142 14.98 35.28 17.95
CA GLU B 142 14.29 33.99 17.91
C GLU B 142 13.61 33.70 16.57
N ASP B 143 13.52 34.69 15.70
CA ASP B 143 12.90 34.56 14.38
C ASP B 143 13.83 35.01 13.27
N GLU B 144 15.15 34.95 13.52
CA GLU B 144 16.18 35.14 12.51
C GLU B 144 15.92 34.30 11.24
N ILE B 145 15.55 33.03 11.41
CA ILE B 145 15.20 32.17 10.26
C ILE B 145 13.69 31.88 10.19
N ALA B 146 13.12 31.98 9.00
CA ALA B 146 11.76 31.56 8.75
C ALA B 146 11.79 30.36 7.81
N VAL B 147 11.25 29.21 8.26
CA VAL B 147 11.19 28.03 7.40
C VAL B 147 9.74 27.80 7.03
N LEU B 148 9.51 27.63 5.74
CA LEU B 148 8.22 27.20 5.19
C LEU B 148 8.33 25.69 5.00
N ALA B 149 7.45 24.96 5.67
CA ALA B 149 7.45 23.50 5.65
C ALA B 149 6.21 23.02 4.89
N PHE B 150 6.44 22.17 3.91
CA PHE B 150 5.38 21.54 3.17
C PHE B 150 5.45 20.03 3.31
N LEU B 151 4.29 19.44 3.59
CA LEU B 151 4.16 18.00 3.71
C LEU B 151 3.88 17.42 2.31
N VAL B 152 4.42 16.23 2.07
CA VAL B 152 4.33 15.55 0.79
C VAL B 152 3.70 14.18 1.02
N GLU B 153 2.65 13.90 0.26
CA GLU B 153 2.05 12.59 0.23
C GLU B 153 2.03 12.05 -1.17
N ALA B 154 1.95 10.73 -1.24
CA ALA B 154 1.81 10.05 -2.51
C ALA B 154 0.50 10.42 -3.19
N GLY B 155 0.62 10.79 -4.47
CA GLY B 155 -0.49 10.90 -5.41
C GLY B 155 -0.43 9.74 -6.40
N THR B 156 -1.42 9.70 -7.27
CA THR B 156 -1.49 8.73 -8.34
C THR B 156 -0.95 9.31 -9.63
N GLN B 157 -0.77 10.63 -9.70
CA GLN B 157 -0.26 11.31 -10.88
C GLN B 157 1.19 11.79 -10.69
N VAL B 158 1.93 11.81 -11.78
CA VAL B 158 3.26 12.40 -11.80
C VAL B 158 3.10 13.90 -11.62
N ASN B 159 3.80 14.47 -10.64
CA ASN B 159 3.82 15.92 -10.44
C ASN B 159 4.92 16.50 -11.33
N GLU B 160 4.53 17.09 -12.45
CA GLU B 160 5.49 17.56 -13.47
C GLU B 160 6.36 18.71 -12.98
N GLY B 161 5.83 19.48 -12.04
CA GLY B 161 6.58 20.55 -11.41
C GLY B 161 7.84 20.12 -10.70
N PHE B 162 7.85 18.88 -10.19
CA PHE B 162 9.02 18.30 -9.53
C PHE B 162 9.99 17.61 -10.43
N GLN B 163 9.60 17.38 -11.67
CA GLN B 163 10.44 16.62 -12.54
C GLN B 163 11.86 17.16 -12.75
N PRO B 164 12.03 18.49 -12.90
CA PRO B 164 13.42 18.94 -13.00
C PRO B 164 14.30 18.56 -11.80
N LEU B 165 13.76 18.69 -10.58
CA LEU B 165 14.53 18.31 -9.38
C LEU B 165 14.85 16.81 -9.34
N VAL B 166 13.83 15.97 -9.53
CA VAL B 166 14.00 14.50 -9.59
C VAL B 166 15.10 14.06 -10.61
N GLU B 167 15.13 14.72 -11.77
CA GLU B 167 16.04 14.35 -12.84
C GLU B 167 17.45 14.76 -12.47
N ALA B 168 17.57 15.85 -11.72
CA ALA B 168 18.87 16.35 -11.29
C ALA B 168 19.56 15.42 -10.32
N LEU B 169 18.78 14.65 -9.58
CA LEU B 169 19.34 13.80 -8.50
C LEU B 169 20.39 12.80 -8.99
N SER B 170 20.23 12.31 -10.22
CA SER B 170 21.23 11.42 -10.83
C SER B 170 22.62 11.98 -10.89
N ASN B 171 22.73 13.29 -11.04
CA ASN B 171 24.02 13.94 -11.12
C ASN B 171 24.60 14.28 -9.75
N ILE B 172 23.90 14.02 -8.64
CA ILE B 172 24.44 14.33 -7.29
C ILE B 172 24.32 13.15 -6.29
N PRO B 173 24.77 11.94 -6.71
CA PRO B 173 24.54 10.80 -5.85
C PRO B 173 25.28 10.86 -4.53
N LYS B 174 26.42 11.52 -4.49
CA LYS B 174 27.28 11.50 -3.30
C LYS B 174 27.49 12.89 -2.74
N PRO B 175 27.88 12.98 -1.47
CA PRO B 175 28.08 14.30 -0.90
C PRO B 175 29.15 15.13 -1.60
N GLU B 176 28.94 16.43 -1.52
CA GLU B 176 29.74 17.44 -2.17
C GLU B 176 29.61 17.48 -3.68
N MET B 177 28.62 16.81 -4.24
CA MET B 177 28.40 16.93 -5.66
C MET B 177 27.33 17.95 -5.88
N SER B 178 27.46 18.63 -7.01
CA SER B 178 26.64 19.76 -7.35
C SER B 178 26.25 19.70 -8.82
N THR B 179 25.09 20.22 -9.15
CA THR B 179 24.61 20.19 -10.52
C THR B 179 23.65 21.35 -10.77
N THR B 180 23.24 21.48 -12.02
CA THR B 180 22.30 22.52 -12.42
C THR B 180 21.06 21.82 -12.84
N MET B 181 19.92 22.21 -12.29
CA MET B 181 18.67 21.56 -12.67
C MET B 181 18.01 22.39 -13.75
N ALA B 182 17.17 21.74 -14.55
CA ALA B 182 16.55 22.40 -15.70
C ALA B 182 15.61 23.50 -15.24
N GLU B 183 15.30 24.44 -16.13
CA GLU B 183 14.40 25.56 -15.84
C GLU B 183 13.15 25.19 -15.04
N SER B 184 12.91 25.90 -13.94
CA SER B 184 11.74 25.70 -13.11
C SER B 184 11.58 26.82 -12.10
N SER B 185 10.37 26.99 -11.59
CA SER B 185 10.08 27.94 -10.53
C SER B 185 9.86 27.21 -9.22
N LEU B 186 9.86 27.98 -8.13
CA LEU B 186 9.53 27.45 -6.81
C LEU B 186 8.08 27.13 -6.71
N LEU B 187 7.25 27.95 -7.33
CA LEU B 187 5.82 27.62 -7.45
C LEU B 187 5.54 26.27 -8.14
N ASP B 188 6.35 25.84 -9.11
CA ASP B 188 6.20 24.48 -9.69
C ASP B 188 6.28 23.36 -8.64
N LEU B 189 6.94 23.61 -7.51
CA LEU B 189 7.10 22.61 -6.48
C LEU B 189 6.01 22.65 -5.41
N LEU B 190 5.17 23.67 -5.40
CA LEU B 190 4.35 23.91 -4.23
C LEU B 190 2.91 23.60 -4.60
N PRO B 191 2.01 23.51 -3.60
CA PRO B 191 0.60 23.49 -3.94
C PRO B 191 0.20 24.84 -4.56
N LYS B 192 -1.01 24.88 -5.11
CA LYS B 192 -1.53 26.14 -5.66
C LYS B 192 -1.56 27.20 -4.57
N GLU B 193 -1.18 28.42 -4.93
CA GLU B 193 -0.95 29.50 -3.97
C GLU B 193 -2.23 29.81 -3.17
N GLU B 194 -3.36 29.79 -3.86
CA GLU B 194 -4.71 29.86 -3.26
C GLU B 194 -4.88 28.91 -2.08
N LYS B 195 -4.29 27.73 -2.16
CA LYS B 195 -4.42 26.72 -1.10
C LYS B 195 -3.42 26.86 0.05
N LEU B 196 -2.65 27.94 0.10
CA LEU B 196 -1.65 28.12 1.17
C LEU B 196 -2.10 29.16 2.17
N ARG B 197 -3.42 29.37 2.29
CA ARG B 197 -3.97 30.29 3.32
C ARG B 197 -4.04 29.62 4.71
N HIS B 198 -4.24 28.30 4.77
CA HIS B 198 -4.24 27.57 6.03
C HIS B 198 -2.86 27.09 6.39
N TYR B 199 -2.40 27.50 7.56
CA TYR B 199 -1.12 27.10 8.07
C TYR B 199 -1.05 27.15 9.58
N PHE B 200 -0.11 26.37 10.12
CA PHE B 200 0.29 26.40 11.52
C PHE B 200 1.57 27.21 11.67
N ARG B 201 1.77 27.75 12.86
CA ARG B 201 2.85 28.63 13.17
C ARG B 201 3.30 28.35 14.58
N TYR B 202 4.62 28.21 14.80
CA TYR B 202 5.16 28.22 16.16
C TYR B 202 6.63 28.63 16.11
N LEU B 203 7.19 28.91 17.29
CA LEU B 203 8.62 29.21 17.45
C LEU B 203 9.40 27.95 17.83
N GLY B 204 10.56 27.79 17.20
CA GLY B 204 11.34 26.61 17.36
C GLY B 204 12.78 26.74 16.91
N SER B 205 13.31 25.61 16.42
CA SER B 205 14.71 25.47 16.13
C SER B 205 15.00 24.85 14.77
N LEU B 206 16.26 24.92 14.42
CA LEU B 206 16.79 24.15 13.32
C LEU B 206 16.73 22.66 13.73
N THR B 207 16.50 21.79 12.76
CA THR B 207 16.31 20.35 13.04
C THR B 207 17.56 19.51 12.77
N THR B 208 18.70 20.17 12.59
CA THR B 208 20.00 19.53 12.67
C THR B 208 20.95 20.39 13.50
N PRO B 209 22.05 19.81 14.02
CA PRO B 209 22.94 20.67 14.81
C PRO B 209 23.39 21.86 13.98
N THR B 210 23.59 23.03 14.58
CA THR B 210 23.62 23.21 16.02
C THR B 210 22.25 23.49 16.69
N CYS B 211 21.16 23.18 15.99
CA CYS B 211 19.81 23.25 16.56
C CYS B 211 19.44 24.63 17.17
N ASP B 212 19.88 25.72 16.55
CA ASP B 212 19.67 27.04 17.17
C ASP B 212 18.20 27.37 17.26
N GLU B 213 17.77 27.90 18.41
CA GLU B 213 16.40 28.28 18.64
C GLU B 213 16.15 29.69 18.07
N LYS B 214 16.18 29.77 16.75
CA LYS B 214 15.99 31.02 16.09
C LYS B 214 15.07 30.86 14.87
N VAL B 215 14.17 29.87 14.92
CA VAL B 215 13.35 29.58 13.75
C VAL B 215 11.90 29.89 14.10
N VAL B 216 11.30 30.76 13.29
CA VAL B 216 9.86 30.84 13.20
C VAL B 216 9.39 29.83 12.16
N TRP B 217 8.59 28.86 12.59
CA TRP B 217 8.10 27.78 11.73
C TRP B 217 6.74 28.05 11.18
N THR B 218 6.56 27.68 9.90
CA THR B 218 5.26 27.66 9.22
C THR B 218 5.09 26.28 8.59
N VAL B 219 4.01 25.58 8.95
CA VAL B 219 3.73 24.29 8.37
C VAL B 219 2.39 24.41 7.67
N PHE B 220 2.39 24.34 6.33
CA PHE B 220 1.17 24.50 5.56
C PHE B 220 0.34 23.24 5.65
N ARG B 221 -0.96 23.44 5.78
CA ARG B 221 -1.89 22.35 5.88
C ARG B 221 -2.00 21.58 4.56
N GLU B 222 -1.86 22.23 3.42
CA GLU B 222 -2.14 21.58 2.14
C GLU B 222 -0.90 20.78 1.71
N PRO B 223 -1.06 19.45 1.51
CA PRO B 223 0.11 18.68 1.15
C PRO B 223 0.47 18.81 -0.32
N ILE B 224 1.76 18.72 -0.64
CA ILE B 224 2.24 18.47 -1.99
C ILE B 224 1.90 17.00 -2.30
N GLN B 225 1.54 16.72 -3.55
CA GLN B 225 1.33 15.37 -3.97
C GLN B 225 2.33 15.00 -5.01
N LEU B 226 2.99 13.87 -4.79
CA LEU B 226 3.95 13.33 -5.72
C LEU B 226 3.57 11.91 -6.06
N HIS B 227 3.95 11.45 -7.23
CA HIS B 227 3.85 10.02 -7.52
C HIS B 227 4.79 9.23 -6.57
N ARG B 228 4.35 8.07 -6.09
CA ARG B 228 5.18 7.25 -5.19
C ARG B 228 6.60 7.07 -5.68
N GLU B 229 6.75 6.90 -6.99
CA GLU B 229 8.05 6.71 -7.61
C GLU B 229 8.91 7.97 -7.67
N GLN B 230 8.28 9.14 -7.72
CA GLN B 230 9.01 10.39 -7.54
C GLN B 230 9.59 10.49 -6.11
N ILE B 231 8.82 10.11 -5.12
CA ILE B 231 9.31 10.05 -3.72
C ILE B 231 10.49 9.04 -3.59
N LEU B 232 10.28 7.85 -4.16
CA LEU B 232 11.28 6.79 -4.15
C LEU B 232 12.57 7.18 -4.83
N ALA B 233 12.52 8.09 -5.83
CA ALA B 233 13.70 8.52 -6.56
C ALA B 233 14.75 9.13 -5.64
N PHE B 234 14.32 9.70 -4.52
CA PHE B 234 15.25 10.30 -3.54
C PHE B 234 16.14 9.25 -2.85
N SER B 235 15.53 8.20 -2.31
CA SER B 235 16.32 7.11 -1.70
C SER B 235 17.03 6.25 -2.74
N GLN B 236 16.47 6.17 -3.94
CA GLN B 236 17.12 5.41 -5.02
C GLN B 236 18.36 6.10 -5.63
N LYS B 237 18.41 7.43 -5.60
CA LYS B 237 19.44 8.14 -6.34
C LYS B 237 20.53 8.75 -5.49
N LEU B 238 20.26 8.93 -4.20
CA LEU B 238 21.18 9.67 -3.31
C LEU B 238 21.76 8.80 -2.23
N TYR B 239 22.98 9.15 -1.83
CA TYR B 239 23.70 8.47 -0.78
C TYR B 239 24.13 9.46 0.27
N TYR B 240 24.20 9.00 1.51
CA TYR B 240 24.73 9.80 2.63
C TYR B 240 26.26 9.95 2.51
N ASP B 241 26.93 8.93 1.95
CA ASP B 241 28.38 8.78 2.07
C ASP B 241 29.16 8.77 0.72
N LYS B 242 30.41 9.21 0.78
CA LYS B 242 31.28 9.23 -0.37
C LYS B 242 31.62 7.82 -0.91
N GLU B 243 31.49 6.78 -0.10
CA GLU B 243 31.75 5.41 -0.52
C GLU B 243 30.52 4.78 -1.16
N GLN B 244 29.44 5.53 -1.20
CA GLN B 244 28.19 5.12 -1.79
C GLN B 244 27.71 3.75 -1.26
N THR B 245 27.65 3.59 0.05
CA THR B 245 27.12 2.37 0.65
C THR B 245 25.81 2.54 1.45
N VAL B 246 25.45 3.78 1.82
CA VAL B 246 24.22 4.03 2.57
C VAL B 246 23.29 4.96 1.75
N SER B 247 22.17 4.41 1.28
CA SER B 247 21.21 5.19 0.52
C SER B 247 20.60 6.25 1.43
N MET B 248 20.40 7.44 0.90
CA MET B 248 19.89 8.56 1.70
C MET B 248 18.40 8.42 1.90
N LYS B 249 18.02 8.24 3.14
CA LYS B 249 16.63 8.17 3.60
C LYS B 249 16.60 8.19 5.12
N ASP B 250 15.44 8.49 5.69
CA ASP B 250 15.24 8.63 7.15
C ASP B 250 16.16 9.67 7.72
N ASN B 251 16.30 10.76 6.95
CA ASN B 251 17.11 11.91 7.33
C ASN B 251 16.18 12.81 8.10
N VAL B 252 15.76 12.30 9.25
CA VAL B 252 14.66 12.87 9.99
C VAL B 252 15.07 12.94 11.44
N ARG B 253 14.94 14.13 12.02
CA ARG B 253 15.15 14.30 13.48
C ARG B 253 13.88 13.83 14.18
N PRO B 254 14.03 13.07 15.29
CA PRO B 254 12.86 12.67 16.09
C PRO B 254 12.10 13.85 16.66
N LEU B 255 10.83 13.62 17.00
CA LEU B 255 9.95 14.65 17.54
C LEU B 255 10.39 15.17 18.91
N GLN B 256 10.20 16.47 19.10
CA GLN B 256 10.59 17.17 20.31
C GLN B 256 9.33 17.61 21.05
N GLN B 257 9.45 17.79 22.36
CA GLN B 257 8.30 18.24 23.17
C GLN B 257 8.09 19.75 23.05
N LEU B 258 6.83 20.14 23.08
CA LEU B 258 6.40 21.52 22.92
C LEU B 258 6.81 22.41 24.13
N GLY B 259 6.74 21.83 25.33
CA GLY B 259 7.10 22.53 26.56
C GLY B 259 6.13 23.64 26.87
N GLN B 260 6.65 24.86 26.98
CA GLN B 260 5.82 26.05 27.27
C GLN B 260 5.10 26.63 26.05
N ARG B 261 5.45 26.18 24.87
CA ARG B 261 5.03 26.86 23.66
C ARG B 261 3.60 26.54 23.29
N THR B 262 3.05 27.40 22.44
CA THR B 262 1.73 27.25 21.88
C THR B 262 1.89 27.21 20.37
N VAL B 263 1.10 26.38 19.70
CA VAL B 263 1.02 26.42 18.27
C VAL B 263 -0.24 27.21 17.94
N ILE B 264 -0.12 28.10 16.96
CA ILE B 264 -1.26 28.85 16.44
C ILE B 264 -1.45 28.55 14.98
N LYS B 265 -2.58 28.99 14.45
CA LYS B 265 -2.94 28.75 13.06
C LYS B 265 -3.69 29.93 12.43
N SER B 266 -3.63 30.02 11.11
CA SER B 266 -4.36 31.05 10.37
C SER B 266 -5.86 30.72 10.32
N SER C 3 15.33 -16.42 19.11
CA SER C 3 15.02 -16.99 20.44
C SER C 3 13.58 -16.62 20.88
N HIS C 4 13.35 -16.32 22.15
CA HIS C 4 12.04 -15.90 22.63
C HIS C 4 11.82 -14.40 22.33
N TRP C 5 10.55 -13.96 22.34
CA TRP C 5 10.21 -12.56 21.98
C TRP C 5 10.55 -11.60 23.12
N CYS C 6 10.87 -10.37 22.78
CA CYS C 6 11.19 -9.35 23.76
C CYS C 6 10.77 -7.97 23.23
N TYR C 7 10.80 -6.99 24.14
CA TYR C 7 10.76 -5.59 23.74
C TYR C 7 12.15 -5.09 23.36
N GLU C 8 12.18 -4.15 22.42
CA GLU C 8 13.39 -3.50 21.96
C GLU C 8 14.34 -3.16 23.13
N VAL C 9 13.81 -2.58 24.20
CA VAL C 9 14.63 -2.18 25.36
C VAL C 9 15.40 -3.36 25.96
N GLN C 10 14.80 -4.56 25.96
CA GLN C 10 15.47 -5.75 26.49
C GLN C 10 16.65 -6.16 25.62
N ALA C 11 16.46 -6.19 24.30
CA ALA C 11 17.54 -6.44 23.35
C ALA C 11 18.73 -5.50 23.51
N GLU C 12 18.44 -4.21 23.66
CA GLU C 12 19.48 -3.20 23.78
C GLU C 12 20.19 -3.20 25.11
N SER C 13 19.57 -3.77 26.16
CA SER C 13 20.16 -3.76 27.51
C SER C 13 20.77 -5.09 27.89
N SER C 14 20.97 -5.97 26.93
CA SER C 14 21.49 -7.31 27.21
C SER C 14 22.06 -7.98 25.98
N ASN C 15 23.10 -8.79 26.19
CA ASN C 15 23.73 -9.57 25.13
C ASN C 15 22.97 -10.85 24.79
N TYR C 16 22.01 -11.21 25.64
CA TYR C 16 21.25 -12.44 25.52
C TYR C 16 20.23 -12.26 24.38
N PRO C 17 20.26 -13.12 23.34
CA PRO C 17 19.45 -12.84 22.14
C PRO C 17 17.94 -13.09 22.35
N CYS C 18 17.13 -12.35 21.58
CA CYS C 18 15.67 -12.38 21.68
C CYS C 18 15.06 -11.68 20.45
N LEU C 19 13.83 -12.02 20.10
CA LEU C 19 13.16 -11.42 18.94
C LEU C 19 12.53 -10.08 19.34
N VAL C 20 13.05 -8.98 18.79
CA VAL C 20 12.48 -7.64 18.98
C VAL C 20 11.19 -7.43 18.16
N PRO C 21 10.35 -6.41 18.51
CA PRO C 21 9.04 -6.29 17.84
C PRO C 21 9.02 -6.38 16.30
N VAL C 22 9.97 -5.79 15.60
CA VAL C 22 9.96 -5.89 14.11
C VAL C 22 10.23 -7.29 13.61
N LYS C 23 10.84 -8.10 14.47
CA LYS C 23 11.13 -9.50 14.18
C LYS C 23 10.17 -10.49 14.78
N TRP C 24 9.12 -10.08 15.46
CA TRP C 24 8.11 -11.00 15.98
C TRP C 24 7.38 -11.84 14.88
N GLY C 25 7.14 -13.13 15.18
CA GLY C 25 6.45 -14.10 14.36
C GLY C 25 4.96 -14.25 14.62
N GLY C 26 4.38 -15.45 14.52
CA GLY C 26 2.96 -15.63 14.78
C GLY C 26 2.22 -14.78 13.77
N ASN C 27 1.17 -14.09 14.24
CA ASN C 27 0.37 -13.19 13.39
C ASN C 27 0.80 -11.73 13.42
N CYS C 28 1.99 -11.49 13.97
CA CYS C 28 2.43 -10.15 14.32
C CYS C 28 2.78 -9.31 13.08
N GLN C 29 2.97 -9.95 11.92
CA GLN C 29 3.24 -9.21 10.71
C GLN C 29 2.04 -9.18 9.77
N LYS C 30 0.84 -9.47 10.28
CA LYS C 30 -0.37 -9.35 9.47
C LYS C 30 -0.91 -7.93 9.46
N ASP C 31 -2.08 -7.71 8.88
CA ASP C 31 -2.51 -6.40 8.46
C ASP C 31 -3.50 -5.72 9.35
N ARG C 32 -4.02 -6.40 10.37
CA ARG C 32 -5.01 -5.79 11.25
C ARG C 32 -4.49 -5.75 12.69
N GLN C 33 -3.37 -5.07 12.86
CA GLN C 33 -2.59 -5.11 14.11
C GLN C 33 -2.82 -3.89 15.02
N SER C 34 -2.48 -4.06 16.29
CA SER C 34 -2.57 -3.01 17.33
C SER C 34 -1.21 -2.92 18.04
N PRO C 35 -0.89 -1.79 18.67
CA PRO C 35 -1.73 -0.60 18.80
C PRO C 35 -1.62 0.32 17.60
N ILE C 36 -2.41 1.40 17.65
CA ILE C 36 -2.47 2.38 16.58
C ILE C 36 -2.57 3.79 17.14
N ASN C 37 -2.26 4.76 16.28
CA ASN C 37 -2.56 6.16 16.57
C ASN C 37 -3.99 6.45 16.12
N ILE C 38 -4.77 7.10 16.97
CA ILE C 38 -6.14 7.45 16.66
C ILE C 38 -6.22 8.94 16.36
N VAL C 39 -6.60 9.26 15.13
CA VAL C 39 -6.84 10.64 14.72
C VAL C 39 -8.28 10.88 15.12
N THR C 40 -8.45 11.66 16.17
CA THR C 40 -9.71 11.74 16.88
C THR C 40 -10.82 12.38 16.03
N THR C 41 -10.50 13.46 15.31
CA THR C 41 -11.52 14.08 14.42
C THR C 41 -11.97 13.21 13.24
N LYS C 42 -11.19 12.20 12.84
CA LYS C 42 -11.61 11.31 11.76
C LYS C 42 -12.31 10.03 12.21
N ALA C 43 -12.34 9.75 13.51
CA ALA C 43 -13.17 8.67 14.00
C ALA C 43 -14.61 9.18 13.93
N LYS C 44 -15.47 8.46 13.23
CA LYS C 44 -16.87 8.89 13.09
C LYS C 44 -17.67 8.41 14.28
N VAL C 45 -18.60 9.26 14.72
CA VAL C 45 -19.51 8.92 15.78
C VAL C 45 -20.40 7.84 15.18
N ASP C 46 -20.55 6.76 15.92
CA ASP C 46 -21.56 5.75 15.65
C ASP C 46 -22.50 5.67 16.84
N LYS C 47 -23.79 5.80 16.59
CA LYS C 47 -24.77 5.87 17.68
C LYS C 47 -25.19 4.52 18.24
N LYS C 48 -24.84 3.43 17.56
CA LYS C 48 -24.94 2.10 18.16
C LYS C 48 -24.03 1.89 19.39
N LEU C 49 -23.02 2.75 19.59
CA LEU C 49 -22.15 2.68 20.78
C LEU C 49 -22.71 3.32 22.05
N GLY C 50 -23.39 2.55 22.89
CA GLY C 50 -23.87 3.05 24.18
C GLY C 50 -22.87 2.96 25.32
N ARG C 51 -23.32 3.25 26.52
CA ARG C 51 -22.46 3.18 27.69
C ARG C 51 -22.13 1.73 28.02
N PHE C 52 -21.06 1.53 28.78
CA PHE C 52 -20.74 0.20 29.27
C PHE C 52 -21.53 -0.07 30.53
N PHE C 53 -21.72 -1.35 30.78
CA PHE C 53 -22.20 -1.80 32.09
C PHE C 53 -21.11 -2.64 32.69
N PHE C 54 -20.65 -2.23 33.85
CA PHE C 54 -19.58 -2.91 34.53
C PHE C 54 -20.22 -3.75 35.61
N SER C 55 -19.93 -5.05 35.57
CA SER C 55 -20.44 -5.97 36.56
C SER C 55 -19.26 -6.48 37.37
N GLY C 56 -19.34 -6.32 38.69
CA GLY C 56 -18.29 -6.78 39.60
C GLY C 56 -17.07 -5.86 39.72
N TYR C 57 -17.09 -4.71 39.06
CA TYR C 57 -15.99 -3.73 39.16
C TYR C 57 -15.97 -2.91 40.46
N ASP C 58 -17.13 -2.81 41.13
CA ASP C 58 -17.28 -2.07 42.39
C ASP C 58 -16.99 -2.93 43.65
N LYS C 59 -16.96 -4.26 43.52
CA LYS C 59 -16.69 -5.16 44.64
C LYS C 59 -15.26 -5.09 45.05
N LYS C 60 -15.01 -5.02 46.36
CA LYS C 60 -13.67 -5.09 46.93
C LYS C 60 -13.16 -6.52 47.01
N GLN C 61 -11.97 -6.76 46.50
CA GLN C 61 -11.36 -8.08 46.44
C GLN C 61 -9.91 -7.90 46.86
N THR C 62 -9.30 -8.96 47.35
CA THR C 62 -7.87 -9.02 47.50
C THR C 62 -7.38 -9.72 46.25
N TRP C 63 -6.75 -9.02 45.34
CA TRP C 63 -6.37 -9.60 44.06
C TRP C 63 -4.94 -10.12 44.09
N THR C 64 -4.67 -11.18 43.33
CA THR C 64 -3.33 -11.64 43.07
C THR C 64 -2.71 -10.86 41.90
N VAL C 65 -1.50 -10.37 42.09
CA VAL C 65 -0.79 -9.67 41.04
C VAL C 65 0.55 -10.34 40.87
N GLN C 66 0.95 -10.57 39.62
CA GLN C 66 2.19 -11.27 39.32
C GLN C 66 3.05 -10.55 38.31
N ASN C 67 4.35 -10.75 38.42
CA ASN C 67 5.32 -10.26 37.45
C ASN C 67 5.60 -11.45 36.55
N ASN C 68 5.20 -11.32 35.27
CA ASN C 68 5.35 -12.37 34.28
C ASN C 68 6.52 -12.16 33.33
N GLY C 69 7.36 -11.17 33.63
CA GLY C 69 8.51 -10.91 32.80
C GLY C 69 8.30 -9.97 31.66
N HIS C 70 7.05 -9.62 31.37
CA HIS C 70 6.70 -8.66 30.34
C HIS C 70 5.94 -7.47 30.89
N SER C 71 5.16 -7.72 31.94
CA SER C 71 4.36 -6.74 32.62
C SER C 71 4.07 -7.17 34.10
N VAL C 72 3.22 -6.41 34.79
CA VAL C 72 2.56 -6.88 35.99
C VAL C 72 1.11 -7.09 35.68
N MET C 73 0.58 -8.21 36.17
CA MET C 73 -0.76 -8.69 35.81
C MET C 73 -1.55 -9.08 37.04
N MET C 74 -2.76 -8.51 37.15
CA MET C 74 -3.73 -8.97 38.15
C MET C 74 -4.57 -10.04 37.48
N LEU C 75 -4.78 -11.16 38.17
CA LEU C 75 -5.61 -12.29 37.71
C LEU C 75 -7.00 -12.05 38.18
N LEU C 76 -7.93 -11.90 37.24
CA LEU C 76 -9.26 -11.43 37.57
C LEU C 76 -10.30 -12.54 37.71
N GLU C 77 -10.07 -13.68 37.06
CA GLU C 77 -10.72 -14.95 37.35
C GLU C 77 -12.25 -14.93 37.28
N ASN C 78 -12.73 -14.34 36.21
CA ASN C 78 -14.14 -14.21 35.95
C ASN C 78 -14.94 -13.48 37.04
N LYS C 79 -14.25 -12.83 37.96
CA LYS C 79 -14.92 -12.11 39.01
C LYS C 79 -15.57 -10.80 38.62
N ALA C 80 -15.45 -10.42 37.36
CA ALA C 80 -16.05 -9.20 36.78
C ALA C 80 -16.36 -9.42 35.33
N SER C 81 -17.29 -8.65 34.81
CA SER C 81 -17.71 -8.79 33.43
C SER C 81 -18.21 -7.45 32.93
N ILE C 82 -18.34 -7.35 31.61
CA ILE C 82 -18.79 -6.13 30.94
C ILE C 82 -19.82 -6.43 29.87
N SER C 83 -20.73 -5.50 29.66
CA SER C 83 -21.64 -5.59 28.54
C SER C 83 -21.97 -4.18 28.14
N GLY C 84 -22.85 -4.04 27.14
CA GLY C 84 -23.08 -2.75 26.53
C GLY C 84 -21.84 -2.36 25.73
N GLY C 85 -21.55 -1.05 25.69
CA GLY C 85 -20.39 -0.51 24.98
C GLY C 85 -20.37 -0.89 23.51
N GLY C 86 -21.54 -1.12 22.93
CA GLY C 86 -21.66 -1.67 21.58
C GLY C 86 -21.11 -3.09 21.39
N LEU C 87 -20.83 -3.82 22.47
CA LEU C 87 -20.32 -5.20 22.35
C LEU C 87 -21.48 -6.13 21.98
N PRO C 88 -21.21 -7.20 21.23
CA PRO C 88 -22.27 -8.10 20.77
C PRO C 88 -22.72 -9.09 21.81
N ALA C 89 -22.08 -9.12 22.97
CA ALA C 89 -22.28 -10.14 23.95
C ALA C 89 -21.65 -9.68 25.25
N PRO C 90 -21.93 -10.37 26.36
CA PRO C 90 -21.17 -10.09 27.57
C PRO C 90 -19.78 -10.73 27.48
N TYR C 91 -18.82 -10.13 28.19
CA TYR C 91 -17.41 -10.61 28.17
C TYR C 91 -16.92 -10.71 29.60
N GLN C 92 -16.17 -11.76 29.87
CA GLN C 92 -15.66 -12.03 31.21
C GLN C 92 -14.23 -11.55 31.41
N ALA C 93 -14.01 -10.90 32.55
CA ALA C 93 -12.69 -10.35 32.91
C ALA C 93 -11.74 -11.48 33.27
N LYS C 94 -10.61 -11.52 32.59
CA LYS C 94 -9.59 -12.54 32.78
C LYS C 94 -8.39 -12.02 33.52
N GLN C 95 -7.87 -10.87 33.05
CA GLN C 95 -6.67 -10.30 33.64
C GLN C 95 -6.53 -8.86 33.27
N LEU C 96 -5.80 -8.14 34.10
CA LEU C 96 -5.47 -6.76 33.87
C LEU C 96 -3.94 -6.60 33.96
N HIS C 97 -3.35 -5.88 33.01
CA HIS C 97 -1.91 -5.58 33.04
C HIS C 97 -1.67 -4.18 32.52
N LEU C 98 -0.43 -3.71 32.60
CA LEU C 98 -0.07 -2.36 32.15
C LEU C 98 1.13 -2.36 31.20
N HIS C 99 1.24 -1.28 30.48
CA HIS C 99 2.38 -0.94 29.66
C HIS C 99 2.81 0.42 30.11
N TRP C 100 4.12 0.68 30.20
CA TRP C 100 4.59 1.96 30.72
C TRP C 100 6.02 2.33 30.30
N SER C 101 6.36 3.59 30.53
CA SER C 101 7.71 4.09 30.42
C SER C 101 8.04 4.85 31.72
N ASP C 102 9.02 5.75 31.66
CA ASP C 102 9.39 6.58 32.81
C ASP C 102 9.42 8.08 32.48
N LEU C 103 8.75 8.44 31.38
CA LEU C 103 8.64 9.81 30.87
C LEU C 103 7.16 10.21 30.72
N PRO C 104 6.84 11.50 30.93
CA PRO C 104 5.46 12.02 30.72
C PRO C 104 4.85 11.75 29.33
N TYR C 105 5.69 11.71 28.31
CA TYR C 105 5.28 11.81 26.92
C TYR C 105 5.37 10.47 26.22
N LYS C 106 5.64 9.40 26.95
CA LYS C 106 5.54 8.07 26.37
C LYS C 106 5.32 7.03 27.43
N GLY C 107 4.93 5.84 26.98
CA GLY C 107 4.56 4.73 27.89
C GLY C 107 3.27 4.05 27.47
N SER C 108 2.36 4.79 26.83
CA SER C 108 1.16 4.16 26.27
C SER C 108 1.46 3.42 24.98
N GLU C 109 0.57 2.47 24.66
CA GLU C 109 0.63 1.77 23.41
C GLU C 109 -0.11 2.55 22.31
N HIS C 110 -1.35 2.92 22.58
CA HIS C 110 -2.13 3.77 21.67
C HIS C 110 -1.71 5.21 21.89
N SER C 111 -1.88 6.06 20.87
CA SER C 111 -1.76 7.50 21.00
C SER C 111 -3.02 8.17 20.46
N LEU C 112 -3.33 9.35 20.97
CA LEU C 112 -4.50 10.10 20.51
C LEU C 112 -4.01 11.38 19.87
N ASP C 113 -4.26 11.55 18.58
CA ASP C 113 -3.71 12.69 17.80
C ASP C 113 -2.21 12.89 17.95
N GLY C 114 -1.50 11.76 17.95
CA GLY C 114 -0.08 11.73 18.17
C GLY C 114 0.43 11.85 19.60
N GLU C 115 -0.43 12.13 20.57
CA GLU C 115 -0.02 12.20 21.98
C GLU C 115 0.00 10.81 22.65
N HIS C 116 1.19 10.42 23.11
CA HIS C 116 1.36 9.26 23.96
C HIS C 116 1.19 9.65 25.43
N PHE C 117 0.74 8.70 26.21
CA PHE C 117 0.54 8.90 27.64
C PHE C 117 1.58 8.12 28.40
N ALA C 118 1.70 8.37 29.70
CA ALA C 118 2.72 7.77 30.55
C ALA C 118 2.56 6.24 30.80
N MET C 119 1.31 5.75 30.78
CA MET C 119 1.02 4.32 30.85
C MET C 119 -0.25 4.04 30.10
N GLU C 120 -0.45 2.76 29.83
CA GLU C 120 -1.70 2.25 29.35
C GLU C 120 -2.03 0.97 30.13
N MET C 121 -3.21 0.92 30.72
CA MET C 121 -3.75 -0.26 31.37
C MET C 121 -4.66 -0.99 30.39
N HIS C 122 -4.54 -2.31 30.37
CA HIS C 122 -5.37 -3.19 29.54
C HIS C 122 -6.17 -4.13 30.42
N ILE C 123 -7.51 -4.04 30.38
CA ILE C 123 -8.35 -5.01 31.07
C ILE C 123 -8.85 -5.97 30.04
N VAL C 124 -8.39 -7.21 30.15
CA VAL C 124 -8.61 -8.19 29.10
C VAL C 124 -9.81 -9.06 29.42
N HIS C 125 -10.80 -9.07 28.49
CA HIS C 125 -12.02 -9.87 28.67
C HIS C 125 -12.22 -10.85 27.54
N GLU C 126 -12.96 -11.92 27.81
CA GLU C 126 -13.27 -12.89 26.77
C GLU C 126 -14.76 -13.12 26.65
N LYS C 127 -15.20 -13.31 25.41
CA LYS C 127 -16.61 -13.43 25.08
C LYS C 127 -17.20 -14.62 25.82
N GLU C 128 -18.36 -14.39 26.46
CA GLU C 128 -19.01 -15.44 27.28
C GLU C 128 -19.54 -16.52 26.35
N LYS C 129 -19.15 -17.76 26.63
CA LYS C 129 -19.49 -18.94 25.81
C LYS C 129 -21.01 -19.07 25.68
N GLY C 130 -21.45 -19.38 24.48
CA GLY C 130 -22.86 -19.49 24.17
C GLY C 130 -23.72 -18.24 24.30
N THR C 131 -23.14 -17.05 24.49
CA THR C 131 -23.94 -15.82 24.65
C THR C 131 -24.01 -15.00 23.35
N SER C 132 -23.33 -15.44 22.30
CA SER C 132 -23.44 -14.79 21.01
C SER C 132 -24.83 -15.10 20.47
N ARG C 133 -25.48 -14.09 19.95
CA ARG C 133 -26.90 -14.18 19.67
C ARG C 133 -27.23 -14.93 18.38
N ASN C 134 -26.30 -14.93 17.43
CA ASN C 134 -26.52 -15.62 16.18
C ASN C 134 -25.24 -16.34 15.76
N VAL C 135 -25.41 -17.29 14.84
CA VAL C 135 -24.35 -18.20 14.45
C VAL C 135 -23.15 -17.42 13.89
N LYS C 136 -23.42 -16.39 13.09
CA LYS C 136 -22.38 -15.60 12.48
C LYS C 136 -21.50 -14.88 13.52
N GLU C 137 -22.14 -14.30 14.54
CA GLU C 137 -21.42 -13.67 15.65
C GLU C 137 -20.64 -14.70 16.49
N ALA C 138 -21.25 -15.84 16.79
CA ALA C 138 -20.55 -16.89 17.57
C ALA C 138 -19.29 -17.37 16.84
N GLN C 139 -19.34 -17.41 15.52
CA GLN C 139 -18.17 -17.81 14.71
C GLN C 139 -17.20 -16.68 14.29
N ASP C 140 -17.48 -15.44 14.69
CA ASP C 140 -16.62 -14.28 14.39
C ASP C 140 -15.28 -14.41 15.16
N PRO C 141 -14.18 -14.72 14.44
CA PRO C 141 -12.92 -14.77 15.19
C PRO C 141 -12.37 -13.39 15.60
N GLU C 142 -12.87 -12.30 15.01
CA GLU C 142 -12.29 -10.96 15.15
C GLU C 142 -12.57 -10.25 16.48
N ASP C 143 -13.56 -10.75 17.23
CA ASP C 143 -13.99 -10.08 18.47
C ASP C 143 -14.14 -11.05 19.64
N GLU C 144 -13.33 -12.08 19.65
CA GLU C 144 -13.35 -13.08 20.69
C GLU C 144 -12.93 -12.48 22.05
N ILE C 145 -11.99 -11.53 21.99
CA ILE C 145 -11.43 -10.84 23.15
C ILE C 145 -11.86 -9.37 23.08
N ALA C 146 -12.27 -8.80 24.22
CA ALA C 146 -12.52 -7.39 24.35
C ALA C 146 -11.46 -6.85 25.31
N VAL C 147 -10.66 -5.88 24.85
CA VAL C 147 -9.70 -5.21 25.75
C VAL C 147 -10.19 -3.81 26.02
N LEU C 148 -10.31 -3.47 27.30
CA LEU C 148 -10.48 -2.11 27.73
C LEU C 148 -9.13 -1.43 27.99
N ALA C 149 -8.84 -0.36 27.24
CA ALA C 149 -7.61 0.39 27.39
C ALA C 149 -7.88 1.72 28.06
N PHE C 150 -7.16 1.94 29.14
CA PHE C 150 -7.17 3.20 29.86
C PHE C 150 -5.79 3.82 29.77
N LEU C 151 -5.75 5.09 29.38
CA LEU C 151 -4.51 5.88 29.28
C LEU C 151 -4.25 6.49 30.65
N VAL C 152 -2.97 6.57 31.03
CA VAL C 152 -2.58 7.13 32.33
C VAL C 152 -1.67 8.32 32.12
N GLU C 153 -1.93 9.41 32.85
CA GLU C 153 -1.05 10.56 32.89
C GLU C 153 -0.78 10.95 34.31
N ALA C 154 0.32 11.70 34.50
CA ALA C 154 0.67 12.25 35.83
C ALA C 154 -0.26 13.35 36.27
N GLY C 155 -0.66 13.33 37.54
CA GLY C 155 -1.32 14.43 38.23
C GLY C 155 -0.58 14.77 39.53
N THR C 156 -1.16 15.67 40.33
CA THR C 156 -0.53 16.21 41.53
C THR C 156 -0.77 15.34 42.73
N GLN C 157 -1.98 14.80 42.84
CA GLN C 157 -2.36 14.00 44.01
C GLN C 157 -2.05 12.52 43.79
N VAL C 158 -1.74 11.86 44.90
CA VAL C 158 -1.64 10.43 44.96
C VAL C 158 -3.02 9.84 44.71
N ASN C 159 -3.14 9.04 43.66
CA ASN C 159 -4.33 8.26 43.46
C ASN C 159 -4.40 7.12 44.48
N GLU C 160 -5.19 7.32 45.54
CA GLU C 160 -5.32 6.32 46.62
C GLU C 160 -5.96 5.02 46.14
N GLY C 161 -6.87 5.13 45.18
CA GLY C 161 -7.43 3.93 44.53
C GLY C 161 -6.37 2.96 44.05
N PHE C 162 -5.27 3.51 43.54
CA PHE C 162 -4.17 2.75 42.93
C PHE C 162 -3.10 2.26 43.88
N GLN C 163 -2.99 2.84 45.07
CA GLN C 163 -1.95 2.42 46.02
C GLN C 163 -1.87 0.93 46.39
N PRO C 164 -3.01 0.21 46.53
CA PRO C 164 -2.84 -1.23 46.78
C PRO C 164 -1.98 -1.89 45.69
N LEU C 165 -2.18 -1.54 44.43
CA LEU C 165 -1.33 -2.05 43.36
C LEU C 165 0.15 -1.60 43.46
N VAL C 166 0.36 -0.31 43.71
CA VAL C 166 1.69 0.25 43.72
C VAL C 166 2.53 -0.37 44.85
N GLU C 167 1.94 -0.50 46.03
CA GLU C 167 2.63 -1.17 47.12
C GLU C 167 2.90 -2.63 46.87
N ALA C 168 2.04 -3.30 46.13
CA ALA C 168 2.25 -4.73 45.85
C ALA C 168 3.48 -4.95 44.98
N LEU C 169 3.83 -3.96 44.16
CA LEU C 169 5.01 -4.06 43.26
C LEU C 169 6.28 -4.38 44.00
N SER C 170 6.42 -3.85 45.22
CA SER C 170 7.59 -4.14 46.08
C SER C 170 7.84 -5.63 46.29
N ASN C 171 6.76 -6.41 46.32
CA ASN C 171 6.86 -7.82 46.56
C ASN C 171 7.06 -8.67 45.33
N ILE C 172 7.04 -8.07 44.14
CA ILE C 172 7.20 -8.86 42.90
C ILE C 172 8.25 -8.33 41.90
N PRO C 173 9.47 -8.05 42.40
CA PRO C 173 10.51 -7.46 41.55
C PRO C 173 10.98 -8.32 40.39
N LYS C 174 10.91 -9.64 40.52
CA LYS C 174 11.41 -10.54 39.46
C LYS C 174 10.29 -11.28 38.78
N PRO C 175 10.54 -11.75 37.56
CA PRO C 175 9.60 -12.64 36.88
C PRO C 175 9.22 -13.89 37.69
N GLU C 176 7.99 -14.32 37.52
CA GLU C 176 7.43 -15.51 38.16
C GLU C 176 7.29 -15.34 39.67
N MET C 177 7.10 -14.09 40.11
CA MET C 177 6.78 -13.78 41.49
C MET C 177 5.37 -13.27 41.54
N SER C 178 4.67 -13.55 42.62
CA SER C 178 3.32 -13.02 42.79
C SER C 178 3.07 -12.67 44.23
N THR C 179 2.03 -11.88 44.44
CA THR C 179 1.67 -11.44 45.75
C THR C 179 0.19 -11.12 45.81
N THR C 180 -0.32 -10.88 47.01
CA THR C 180 -1.72 -10.59 47.18
C THR C 180 -1.83 -9.12 47.43
N MET C 181 -2.76 -8.45 46.77
CA MET C 181 -3.01 -7.03 47.01
C MET C 181 -3.95 -6.81 48.17
N ALA C 182 -3.72 -5.69 48.87
CA ALA C 182 -4.68 -5.19 49.84
C ALA C 182 -5.99 -4.97 49.12
N GLU C 183 -7.05 -4.88 49.91
CA GLU C 183 -8.40 -4.90 49.39
C GLU C 183 -8.62 -3.70 48.49
N SER C 184 -9.27 -3.95 47.36
CA SER C 184 -9.43 -2.95 46.32
C SER C 184 -10.43 -3.41 45.32
N SER C 185 -10.95 -2.45 44.56
CA SER C 185 -11.87 -2.75 43.47
C SER C 185 -11.25 -2.34 42.11
N LEU C 186 -11.84 -2.81 41.01
CA LEU C 186 -11.43 -2.38 39.68
C LEU C 186 -11.77 -0.93 39.49
N LEU C 187 -12.93 -0.52 40.00
CA LEU C 187 -13.34 0.89 39.95
C LEU C 187 -12.37 1.83 40.62
N ASP C 188 -11.76 1.37 41.71
CA ASP C 188 -10.69 2.13 42.32
C ASP C 188 -9.60 2.46 41.35
N LEU C 189 -9.38 1.62 40.35
CA LEU C 189 -8.29 1.86 39.42
C LEU C 189 -8.67 2.80 38.27
N LEU C 190 -9.95 3.11 38.10
CA LEU C 190 -10.41 3.72 36.87
C LEU C 190 -10.83 5.18 37.07
N PRO C 191 -11.04 5.92 35.97
CA PRO C 191 -11.68 7.24 36.12
C PRO C 191 -13.12 7.11 36.66
N LYS C 192 -13.73 8.22 37.06
CA LYS C 192 -15.15 8.20 37.45
C LYS C 192 -15.94 7.49 36.35
N GLU C 193 -16.83 6.58 36.72
CA GLU C 193 -17.60 5.81 35.74
C GLU C 193 -18.40 6.69 34.78
N GLU C 194 -18.85 7.84 35.27
CA GLU C 194 -19.60 8.81 34.47
C GLU C 194 -18.80 9.36 33.29
N LYS C 195 -17.49 9.40 33.44
CA LYS C 195 -16.60 9.90 32.40
C LYS C 195 -16.14 8.82 31.42
N LEU C 196 -16.63 7.59 31.55
CA LEU C 196 -16.29 6.51 30.61
C LEU C 196 -17.25 6.40 29.44
N ARG C 197 -18.00 7.48 29.19
CA ARG C 197 -18.99 7.50 28.12
C ARG C 197 -18.34 7.77 26.78
N HIS C 198 -17.26 8.56 26.75
CA HIS C 198 -16.49 8.82 25.52
C HIS C 198 -15.38 7.81 25.32
N TYR C 199 -15.50 7.01 24.27
CA TYR C 199 -14.44 6.08 23.91
C TYR C 199 -14.34 5.88 22.40
N PHE C 200 -13.19 5.35 22.01
CA PHE C 200 -12.95 4.94 20.63
C PHE C 200 -13.02 3.43 20.52
N ARG C 201 -13.39 2.98 19.33
CA ARG C 201 -13.61 1.59 19.03
C ARG C 201 -13.01 1.20 17.67
N TYR C 202 -12.25 0.12 17.65
CA TYR C 202 -11.77 -0.49 16.42
C TYR C 202 -11.45 -1.98 16.58
N LEU C 203 -11.19 -2.65 15.46
CA LEU C 203 -10.90 -4.06 15.48
C LEU C 203 -9.44 -4.29 15.19
N GLY C 204 -8.77 -5.07 16.04
CA GLY C 204 -7.37 -5.36 15.87
C GLY C 204 -6.85 -6.58 16.55
N SER C 205 -5.73 -6.44 17.26
CA SER C 205 -4.94 -7.57 17.70
C SER C 205 -4.49 -7.43 19.14
N LEU C 206 -4.02 -8.56 19.69
CA LEU C 206 -3.20 -8.54 20.89
C LEU C 206 -1.86 -7.91 20.54
N THR C 207 -1.20 -7.27 21.52
CA THR C 207 0.02 -6.50 21.30
C THR C 207 1.29 -7.23 21.76
N THR C 208 1.17 -8.52 22.06
CA THR C 208 2.35 -9.36 22.28
C THR C 208 2.11 -10.60 21.43
N PRO C 209 3.20 -11.30 21.05
CA PRO C 209 3.05 -12.52 20.27
C PRO C 209 2.14 -13.56 20.95
N THR C 210 1.32 -14.29 20.19
CA THR C 210 1.32 -14.33 18.72
C THR C 210 0.53 -13.21 18.00
N CYS C 211 0.12 -12.17 18.71
CA CYS C 211 -0.58 -11.00 18.13
C CYS C 211 -1.83 -11.41 17.31
N ASP C 212 -2.60 -12.35 17.84
CA ASP C 212 -3.83 -12.81 17.18
C ASP C 212 -4.81 -11.68 16.92
N GLU C 213 -5.43 -11.74 15.76
CA GLU C 213 -6.33 -10.69 15.32
C GLU C 213 -7.73 -11.06 15.77
N LYS C 214 -7.92 -11.00 17.08
CA LYS C 214 -9.18 -11.42 17.66
C LYS C 214 -9.72 -10.46 18.74
N VAL C 215 -9.29 -9.20 18.68
CA VAL C 215 -9.61 -8.22 19.71
C VAL C 215 -10.51 -7.10 19.23
N VAL C 216 -11.60 -6.92 19.95
CA VAL C 216 -12.40 -5.71 19.81
C VAL C 216 -11.82 -4.71 20.82
N TRP C 217 -11.23 -3.64 20.31
CA TRP C 217 -10.55 -2.64 21.17
C TRP C 217 -11.49 -1.53 21.56
N THR C 218 -11.32 -1.07 22.80
CA THR C 218 -11.93 0.11 23.29
C THR C 218 -10.84 0.93 23.97
N VAL C 219 -10.74 2.20 23.57
CA VAL C 219 -9.80 3.13 24.20
C VAL C 219 -10.57 4.32 24.76
N PHE C 220 -10.54 4.46 26.08
CA PHE C 220 -11.30 5.53 26.71
C PHE C 220 -10.63 6.88 26.59
N ARG C 221 -11.40 7.91 26.25
CA ARG C 221 -10.87 9.26 26.13
C ARG C 221 -10.35 9.80 27.48
N GLU C 222 -11.03 9.49 28.57
CA GLU C 222 -10.67 10.03 29.86
C GLU C 222 -9.47 9.30 30.48
N PRO C 223 -8.37 9.99 30.70
CA PRO C 223 -7.26 9.27 31.26
C PRO C 223 -7.38 9.03 32.76
N ILE C 224 -6.67 8.03 33.25
CA ILE C 224 -6.44 7.87 34.66
C ILE C 224 -5.33 8.86 35.07
N GLN C 225 -5.41 9.35 36.29
CA GLN C 225 -4.40 10.24 36.83
C GLN C 225 -3.70 9.64 38.01
N LEU C 226 -2.38 9.48 37.89
CA LEU C 226 -1.54 8.95 38.95
C LEU C 226 -0.53 10.00 39.31
N HIS C 227 -0.04 9.98 40.54
CA HIS C 227 1.10 10.83 40.90
C HIS C 227 2.30 10.32 40.11
N ARG C 228 3.15 11.22 39.66
CA ARG C 228 4.36 10.86 38.89
C ARG C 228 5.15 9.70 39.51
N GLU C 229 5.32 9.77 40.81
CA GLU C 229 6.04 8.74 41.56
C GLU C 229 5.28 7.41 41.70
N GLN C 230 3.95 7.42 41.60
CA GLN C 230 3.19 6.16 41.44
C GLN C 230 3.56 5.51 40.08
N ILE C 231 3.67 6.33 39.04
CA ILE C 231 4.03 5.82 37.73
C ILE C 231 5.48 5.27 37.74
N LEU C 232 6.39 6.06 38.32
CA LEU C 232 7.81 5.69 38.42
C LEU C 232 8.11 4.48 39.30
N ALA C 233 7.23 4.17 40.24
CA ALA C 233 7.38 2.99 41.09
C ALA C 233 7.43 1.69 40.27
N PHE C 234 6.77 1.66 39.12
CA PHE C 234 6.80 0.49 38.23
C PHE C 234 8.21 0.23 37.70
N SER C 235 8.88 1.26 37.19
CA SER C 235 10.27 1.10 36.66
C SER C 235 11.32 1.02 37.78
N GLN C 236 11.00 1.56 38.96
CA GLN C 236 11.93 1.56 40.10
C GLN C 236 11.94 0.23 40.84
N LYS C 237 10.81 -0.46 40.88
CA LYS C 237 10.67 -1.68 41.64
C LYS C 237 10.78 -2.97 40.81
N LEU C 238 10.48 -2.92 39.51
CA LEU C 238 10.33 -4.16 38.75
C LEU C 238 11.47 -4.35 37.77
N TYR C 239 11.71 -5.63 37.43
CA TYR C 239 12.71 -6.00 36.45
C TYR C 239 12.15 -7.03 35.48
N TYR C 240 12.69 -7.02 34.26
CA TYR C 240 12.35 -8.00 33.24
C TYR C 240 12.96 -9.39 33.58
N ASP C 241 14.06 -9.40 34.32
CA ASP C 241 14.88 -10.60 34.46
C ASP C 241 15.15 -10.94 35.93
N LYS C 242 15.35 -12.21 36.20
CA LYS C 242 15.64 -12.73 37.52
C LYS C 242 16.92 -12.14 38.14
N GLU C 243 17.93 -11.86 37.33
CA GLU C 243 19.22 -11.28 37.64
C GLU C 243 19.12 -9.77 38.01
N GLN C 244 17.99 -9.21 37.67
CA GLN C 244 17.62 -7.80 37.95
C GLN C 244 18.65 -6.82 37.42
N THR C 245 18.98 -6.98 36.17
CA THR C 245 19.86 -6.06 35.49
C THR C 245 19.10 -5.10 34.59
N VAL C 246 17.88 -5.46 34.15
CA VAL C 246 17.07 -4.61 33.27
C VAL C 246 15.72 -4.25 33.91
N SER C 247 15.59 -2.97 34.24
CA SER C 247 14.45 -2.44 34.95
C SER C 247 13.27 -2.54 33.98
N MET C 248 12.09 -2.90 34.50
CA MET C 248 10.92 -3.09 33.62
C MET C 248 10.32 -1.75 33.25
N LYS C 249 10.50 -1.39 31.98
CA LYS C 249 9.89 -0.18 31.41
C LYS C 249 9.94 -0.32 29.90
N ASP C 250 9.21 0.55 29.19
CA ASP C 250 9.13 0.53 27.74
C ASP C 250 8.72 -0.87 27.27
N ASN C 251 7.77 -1.46 27.97
CA ASN C 251 7.14 -2.71 27.56
C ASN C 251 5.98 -2.40 26.65
N VAL C 252 6.33 -1.80 25.52
CA VAL C 252 5.41 -1.10 24.62
C VAL C 252 5.72 -1.57 23.23
N ARG C 253 4.68 -2.03 22.53
CA ARG C 253 4.83 -2.43 21.14
C ARG C 253 4.75 -1.16 20.27
N PRO C 254 5.66 -1.02 19.29
CA PRO C 254 5.53 0.13 18.38
C PRO C 254 4.21 0.16 17.61
N LEU C 255 3.89 1.36 17.13
CA LEU C 255 2.62 1.62 16.48
C LEU C 255 2.54 0.86 15.14
N GLN C 256 1.33 0.41 14.84
CA GLN C 256 1.00 -0.32 13.64
C GLN C 256 0.11 0.56 12.77
N GLN C 257 0.12 0.31 11.48
CA GLN C 257 -0.70 1.05 10.53
C GLN C 257 -2.14 0.62 10.59
N LEU C 258 -3.03 1.61 10.52
CA LEU C 258 -4.46 1.37 10.58
C LEU C 258 -4.89 0.53 9.37
N GLY C 259 -4.31 0.82 8.22
CA GLY C 259 -4.57 0.03 7.00
C GLY C 259 -5.99 0.28 6.52
N GLN C 260 -6.65 -0.79 6.10
CA GLN C 260 -8.03 -0.72 5.59
C GLN C 260 -9.13 -0.33 6.61
N ARG C 261 -8.79 -0.29 7.89
CA ARG C 261 -9.81 -0.24 8.94
C ARG C 261 -10.30 1.16 9.23
N THR C 262 -11.44 1.22 9.91
CA THR C 262 -12.00 2.45 10.40
C THR C 262 -12.08 2.42 11.91
N VAL C 263 -11.87 3.56 12.54
CA VAL C 263 -12.05 3.73 13.97
C VAL C 263 -13.36 4.51 14.14
N ILE C 264 -14.18 4.09 15.10
CA ILE C 264 -15.39 4.82 15.41
C ILE C 264 -15.33 5.28 16.84
N LYS C 265 -16.26 6.17 17.19
CA LYS C 265 -16.37 6.65 18.56
C LYS C 265 -17.81 6.80 19.05
N SER C 266 -17.95 6.80 20.36
CA SER C 266 -19.23 6.99 21.03
C SER C 266 -19.63 8.45 20.90
N HIS D 4 -12.79 16.56 -27.05
CA HIS D 4 -11.40 16.60 -26.52
C HIS D 4 -10.95 15.25 -25.92
N TRP D 5 -11.77 14.53 -25.16
CA TRP D 5 -11.35 13.19 -24.66
C TRP D 5 -11.39 12.16 -25.77
N CYS D 6 -10.39 11.28 -25.76
CA CYS D 6 -10.30 10.20 -26.72
C CYS D 6 -9.70 8.93 -26.06
N TYR D 7 -9.81 7.82 -26.81
CA TYR D 7 -9.01 6.61 -26.54
C TYR D 7 -7.64 6.72 -27.21
N GLU D 8 -6.71 5.90 -26.71
CA GLU D 8 -5.30 5.96 -27.16
C GLU D 8 -5.21 5.78 -28.67
N VAL D 9 -5.91 4.79 -29.20
CA VAL D 9 -5.88 4.51 -30.64
C VAL D 9 -6.23 5.70 -31.56
N GLN D 10 -7.12 6.57 -31.09
CA GLN D 10 -7.52 7.76 -31.84
C GLN D 10 -6.40 8.79 -31.89
N ALA D 11 -5.74 8.97 -30.74
CA ALA D 11 -4.61 9.89 -30.64
C ALA D 11 -3.47 9.42 -31.53
N GLU D 12 -3.17 8.14 -31.47
CA GLU D 12 -2.16 7.52 -32.32
C GLU D 12 -2.46 7.63 -33.80
N SER D 13 -3.73 7.57 -34.19
CA SER D 13 -4.11 7.59 -35.61
C SER D 13 -4.47 8.99 -36.16
N SER D 14 -4.13 10.07 -35.44
CA SER D 14 -4.42 11.42 -35.91
C SER D 14 -3.57 12.50 -35.24
N ASN D 15 -3.36 13.60 -35.97
CA ASN D 15 -2.61 14.77 -35.48
C ASN D 15 -3.43 15.57 -34.49
N TYR D 16 -4.73 15.66 -34.77
CA TYR D 16 -5.66 16.39 -33.91
C TYR D 16 -5.41 16.03 -32.44
N PRO D 17 -5.02 17.01 -31.61
CA PRO D 17 -4.72 16.73 -30.21
C PRO D 17 -5.97 16.42 -29.37
N CYS D 18 -5.95 15.31 -28.63
CA CYS D 18 -7.08 14.86 -27.79
C CYS D 18 -6.54 14.32 -26.47
N LEU D 19 -7.36 14.32 -25.42
CA LEU D 19 -6.96 13.77 -24.12
C LEU D 19 -7.10 12.24 -24.13
N VAL D 20 -5.97 11.56 -24.05
CA VAL D 20 -5.93 10.11 -23.90
C VAL D 20 -6.23 9.70 -22.46
N PRO D 21 -6.64 8.44 -22.25
CA PRO D 21 -7.14 8.02 -20.94
C PRO D 21 -6.34 8.42 -19.72
N VAL D 22 -5.01 8.24 -19.70
CA VAL D 22 -4.20 8.69 -18.54
C VAL D 22 -4.28 10.21 -18.28
N LYS D 23 -4.64 10.98 -19.31
CA LYS D 23 -4.79 12.43 -19.19
C LYS D 23 -6.22 12.94 -19.06
N TRP D 24 -7.23 12.06 -19.05
CA TRP D 24 -8.64 12.43 -18.82
C TRP D 24 -8.89 13.25 -17.51
N GLY D 25 -9.82 14.19 -17.56
CA GLY D 25 -10.23 15.04 -16.43
C GLY D 25 -11.45 14.62 -15.60
N GLY D 26 -12.36 15.53 -15.25
CA GLY D 26 -13.52 15.15 -14.44
C GLY D 26 -13.05 14.40 -13.20
N ASN D 27 -13.73 13.32 -12.87
CA ASN D 27 -13.36 12.48 -11.75
C ASN D 27 -12.47 11.31 -12.12
N CYS D 28 -11.94 11.32 -13.35
CA CYS D 28 -11.20 10.19 -13.88
C CYS D 28 -9.91 9.84 -13.14
N GLN D 29 -9.33 10.77 -12.39
CA GLN D 29 -8.08 10.49 -11.65
C GLN D 29 -8.28 10.20 -10.17
N LYS D 30 -9.52 9.93 -9.76
CA LYS D 30 -9.87 9.57 -8.37
C LYS D 30 -9.64 8.07 -8.07
N ASP D 31 -10.05 7.59 -6.88
CA ASP D 31 -9.64 6.26 -6.35
C ASP D 31 -10.66 5.13 -6.39
N ARG D 32 -11.84 5.36 -6.94
CA ARG D 32 -12.81 4.29 -7.06
C ARG D 32 -13.20 4.18 -8.53
N GLN D 33 -12.19 4.02 -9.37
CA GLN D 33 -12.40 3.98 -10.82
C GLN D 33 -12.61 2.57 -11.38
N SER D 34 -13.17 2.52 -12.58
CA SER D 34 -13.50 1.28 -13.28
C SER D 34 -12.91 1.43 -14.69
N PRO D 35 -12.59 0.35 -15.39
CA PRO D 35 -12.78 -1.05 -15.00
C PRO D 35 -11.65 -1.58 -14.12
N ILE D 36 -11.80 -2.80 -13.62
CA ILE D 36 -10.77 -3.49 -12.87
C ILE D 36 -10.61 -4.92 -13.34
N ASN D 37 -9.53 -5.51 -12.84
CA ASN D 37 -9.36 -6.93 -12.87
C ASN D 37 -10.05 -7.55 -11.65
N ILE D 38 -10.76 -8.64 -11.89
CA ILE D 38 -11.42 -9.40 -10.83
C ILE D 38 -10.70 -10.75 -10.60
N VAL D 39 -10.22 -10.96 -9.37
CA VAL D 39 -9.57 -12.21 -9.00
C VAL D 39 -10.72 -13.04 -8.43
N THR D 40 -11.25 -13.93 -9.22
CA THR D 40 -12.54 -14.55 -8.91
C THR D 40 -12.48 -15.39 -7.61
N THR D 41 -11.36 -16.04 -7.34
CA THR D 41 -11.26 -16.86 -6.12
C THR D 41 -11.04 -16.03 -4.86
N LYS D 42 -10.80 -14.72 -4.96
CA LYS D 42 -10.70 -13.86 -3.78
C LYS D 42 -11.93 -13.02 -3.54
N ALA D 43 -12.83 -12.90 -4.52
CA ALA D 43 -14.13 -12.28 -4.24
C ALA D 43 -14.93 -13.22 -3.35
N LYS D 44 -15.39 -12.69 -2.21
CA LYS D 44 -16.15 -13.51 -1.24
C LYS D 44 -17.63 -13.64 -1.60
N VAL D 45 -18.18 -14.84 -1.36
CA VAL D 45 -19.61 -15.05 -1.59
C VAL D 45 -20.37 -14.18 -0.62
N ASP D 46 -21.36 -13.45 -1.13
CA ASP D 46 -22.31 -12.73 -0.30
C ASP D 46 -23.69 -13.28 -0.58
N LYS D 47 -24.29 -13.85 0.46
CA LYS D 47 -25.61 -14.47 0.39
C LYS D 47 -26.74 -13.50 0.04
N LYS D 48 -26.53 -12.20 0.23
CA LYS D 48 -27.48 -11.18 -0.18
C LYS D 48 -27.63 -11.15 -1.73
N LEU D 49 -26.64 -11.62 -2.46
CA LEU D 49 -26.66 -11.56 -3.92
C LEU D 49 -27.48 -12.66 -4.60
N GLY D 50 -28.78 -12.42 -4.74
CA GLY D 50 -29.68 -13.38 -5.36
C GLY D 50 -29.76 -13.17 -6.85
N ARG D 51 -30.65 -13.93 -7.48
CA ARG D 51 -30.83 -13.89 -8.92
CA ARG D 51 -30.80 -13.88 -8.92
C ARG D 51 -31.41 -12.55 -9.36
N PHE D 52 -31.09 -12.18 -10.58
CA PHE D 52 -31.66 -11.01 -11.22
C PHE D 52 -33.02 -11.41 -11.76
N PHE D 53 -33.96 -10.47 -11.72
CA PHE D 53 -35.24 -10.59 -12.38
C PHE D 53 -35.26 -9.52 -13.43
N PHE D 54 -35.72 -9.92 -14.61
CA PHE D 54 -35.65 -9.11 -15.81
C PHE D 54 -37.08 -8.80 -16.26
N SER D 55 -37.29 -7.57 -16.68
CA SER D 55 -38.57 -7.14 -17.19
C SER D 55 -38.39 -6.39 -18.52
N GLY D 56 -39.13 -6.77 -19.55
CA GLY D 56 -38.98 -6.22 -20.91
C GLY D 56 -37.81 -6.79 -21.72
N TYR D 57 -37.04 -7.72 -21.13
CA TYR D 57 -35.83 -8.25 -21.76
C TYR D 57 -36.20 -9.32 -22.80
N ASP D 58 -37.38 -9.88 -22.64
CA ASP D 58 -37.85 -10.97 -23.48
C ASP D 58 -38.70 -10.48 -24.66
N LYS D 59 -39.23 -9.27 -24.62
CA LYS D 59 -40.12 -8.86 -25.69
C LYS D 59 -39.37 -8.28 -26.87
N LYS D 60 -39.93 -8.54 -28.03
CA LYS D 60 -39.37 -8.18 -29.30
C LYS D 60 -39.63 -6.70 -29.58
N GLN D 61 -38.56 -6.01 -29.95
CA GLN D 61 -38.62 -4.59 -30.31
C GLN D 61 -37.80 -4.40 -31.55
N THR D 62 -38.01 -3.26 -32.20
CA THR D 62 -37.15 -2.85 -33.30
C THR D 62 -36.42 -1.66 -32.70
N TRP D 63 -35.29 -1.94 -32.07
CA TRP D 63 -34.58 -0.96 -31.30
C TRP D 63 -33.88 0.01 -32.22
N THR D 64 -33.71 1.24 -31.75
CA THR D 64 -32.84 2.17 -32.45
C THR D 64 -31.42 1.99 -31.93
N VAL D 65 -30.47 1.91 -32.86
CA VAL D 65 -29.03 1.82 -32.55
C VAL D 65 -28.26 2.96 -33.26
N GLN D 66 -27.34 3.60 -32.55
CA GLN D 66 -26.55 4.70 -33.11
C GLN D 66 -25.06 4.50 -32.90
N ASN D 67 -24.29 5.07 -33.83
CA ASN D 67 -22.85 5.26 -33.68
C ASN D 67 -22.69 6.62 -33.05
N ASN D 68 -22.18 6.69 -31.82
CA ASN D 68 -21.99 7.98 -31.14
C ASN D 68 -20.57 8.54 -31.21
N GLY D 69 -19.75 8.00 -32.09
CA GLY D 69 -18.36 8.38 -32.18
C GLY D 69 -17.39 7.67 -31.24
N HIS D 70 -17.89 6.94 -30.25
CA HIS D 70 -17.02 6.16 -29.34
C HIS D 70 -17.43 4.71 -29.22
N SER D 71 -18.60 4.37 -29.76
CA SER D 71 -19.22 3.09 -29.58
C SER D 71 -20.47 3.00 -30.44
N VAL D 72 -21.14 1.85 -30.38
CA VAL D 72 -22.49 1.73 -30.88
C VAL D 72 -23.43 1.49 -29.70
N MET D 73 -24.56 2.17 -29.72
CA MET D 73 -25.47 2.17 -28.60
C MET D 73 -26.90 1.98 -29.06
N MET D 74 -27.56 0.98 -28.43
CA MET D 74 -28.99 0.80 -28.54
C MET D 74 -29.70 1.66 -27.50
N LEU D 75 -30.71 2.40 -27.95
CA LEU D 75 -31.50 3.23 -27.08
C LEU D 75 -32.67 2.40 -26.51
N LEU D 76 -32.70 2.30 -25.18
CA LEU D 76 -33.63 1.41 -24.52
C LEU D 76 -34.86 2.12 -23.93
N GLU D 77 -34.74 3.43 -23.65
CA GLU D 77 -35.91 4.31 -23.39
C GLU D 77 -36.87 3.81 -22.31
N ASN D 78 -36.27 3.33 -21.24
CA ASN D 78 -36.99 2.80 -20.12
C ASN D 78 -37.90 1.64 -20.47
N LYS D 79 -37.67 0.96 -21.61
CA LYS D 79 -38.55 -0.10 -22.02
C LYS D 79 -38.30 -1.45 -21.37
N ALA D 80 -37.34 -1.47 -20.48
CA ALA D 80 -36.98 -2.67 -19.71
C ALA D 80 -36.41 -2.25 -18.40
N SER D 81 -36.30 -3.21 -17.50
CA SER D 81 -35.86 -2.97 -16.15
C SER D 81 -35.47 -4.25 -15.47
N ILE D 82 -34.82 -4.08 -14.32
CA ILE D 82 -34.28 -5.18 -13.55
C ILE D 82 -34.58 -4.97 -12.08
N SER D 83 -34.78 -6.08 -11.36
CA SER D 83 -34.79 -6.13 -9.90
C SER D 83 -34.01 -7.36 -9.38
N GLY D 84 -33.95 -7.56 -8.06
CA GLY D 84 -33.13 -8.62 -7.49
C GLY D 84 -31.68 -8.26 -7.68
N GLY D 85 -30.79 -9.25 -7.83
CA GLY D 85 -29.36 -8.95 -8.06
C GLY D 85 -28.69 -8.27 -6.88
N GLY D 86 -29.27 -8.40 -5.69
CA GLY D 86 -28.83 -7.65 -4.53
C GLY D 86 -28.94 -6.15 -4.62
N LEU D 87 -29.58 -5.64 -5.66
CA LEU D 87 -29.81 -4.20 -5.77
C LEU D 87 -30.94 -3.74 -4.84
N PRO D 88 -30.82 -2.53 -4.29
CA PRO D 88 -31.77 -1.97 -3.31
C PRO D 88 -33.06 -1.34 -3.88
N ALA D 89 -33.13 -1.21 -5.20
CA ALA D 89 -34.31 -0.69 -5.91
C ALA D 89 -34.33 -1.34 -7.26
N PRO D 90 -35.48 -1.36 -7.93
CA PRO D 90 -35.45 -1.70 -9.34
C PRO D 90 -34.66 -0.63 -10.12
N TYR D 91 -34.01 -1.04 -11.20
CA TYR D 91 -33.32 -0.11 -12.08
C TYR D 91 -33.95 -0.19 -13.46
N GLN D 92 -33.97 0.96 -14.12
CA GLN D 92 -34.62 1.12 -15.40
C GLN D 92 -33.57 1.24 -16.50
N ALA D 93 -33.71 0.45 -17.54
CA ALA D 93 -32.73 0.37 -18.62
C ALA D 93 -32.75 1.63 -19.51
N LYS D 94 -31.59 2.24 -19.73
CA LYS D 94 -31.46 3.46 -20.56
C LYS D 94 -30.84 3.18 -21.89
N GLN D 95 -29.71 2.48 -21.85
CA GLN D 95 -28.95 2.18 -23.07
C GLN D 95 -27.96 1.02 -22.92
N LEU D 96 -27.60 0.42 -24.06
CA LEU D 96 -26.65 -0.68 -24.13
C LEU D 96 -25.64 -0.32 -25.20
N HIS D 97 -24.35 -0.40 -24.85
CA HIS D 97 -23.28 -0.24 -25.81
C HIS D 97 -22.15 -1.25 -25.60
N LEU D 98 -21.14 -1.22 -26.45
CA LEU D 98 -20.08 -2.18 -26.38
C LEU D 98 -18.72 -1.53 -26.45
N HIS D 99 -17.74 -2.27 -25.95
CA HIS D 99 -16.32 -1.99 -26.12
C HIS D 99 -15.73 -3.22 -26.76
N TRP D 100 -14.73 -3.02 -27.64
CA TRP D 100 -14.17 -4.11 -28.43
C TRP D 100 -12.81 -3.83 -29.00
N SER D 101 -12.16 -4.89 -29.44
CA SER D 101 -10.92 -4.81 -30.24
C SER D 101 -11.07 -5.62 -31.53
N ASP D 102 -9.94 -5.97 -32.14
CA ASP D 102 -9.99 -6.91 -33.29
C ASP D 102 -9.18 -8.18 -33.09
N LEU D 103 -8.76 -8.45 -31.86
CA LEU D 103 -8.04 -9.66 -31.49
C LEU D 103 -8.80 -10.32 -30.33
N PRO D 104 -8.86 -11.66 -30.26
CA PRO D 104 -9.73 -12.31 -29.25
C PRO D 104 -9.34 -12.14 -27.79
N TYR D 105 -8.09 -11.77 -27.52
CA TYR D 105 -7.61 -11.67 -26.14
C TYR D 105 -7.60 -10.26 -25.60
N LYS D 106 -8.15 -9.33 -26.37
CA LYS D 106 -8.42 -8.02 -25.86
C LYS D 106 -9.71 -7.44 -26.49
N GLY D 107 -10.26 -6.44 -25.81
CA GLY D 107 -11.50 -5.81 -26.21
C GLY D 107 -12.42 -5.59 -25.05
N SER D 108 -12.30 -6.36 -23.95
CA SER D 108 -13.13 -6.10 -22.76
C SER D 108 -12.46 -5.05 -21.91
N GLU D 109 -13.24 -4.42 -21.05
CA GLU D 109 -12.71 -3.43 -20.13
C GLU D 109 -12.28 -4.11 -18.83
N HIS D 110 -13.15 -4.93 -18.26
CA HIS D 110 -12.83 -5.73 -17.11
C HIS D 110 -12.08 -6.93 -17.61
N SER D 111 -11.24 -7.46 -16.73
CA SER D 111 -10.71 -8.82 -16.90
C SER D 111 -11.13 -9.66 -15.71
N LEU D 112 -11.22 -10.95 -15.96
CA LEU D 112 -11.41 -11.96 -14.94
C LEU D 112 -10.19 -12.84 -14.86
N ASP D 113 -9.56 -12.88 -13.70
CA ASP D 113 -8.31 -13.60 -13.50
C ASP D 113 -7.23 -13.26 -14.53
N GLY D 114 -7.18 -11.99 -14.90
CA GLY D 114 -6.21 -11.46 -15.85
C GLY D 114 -6.53 -11.78 -17.31
N GLU D 115 -7.63 -12.45 -17.56
CA GLU D 115 -8.01 -12.85 -18.92
C GLU D 115 -8.94 -11.74 -19.44
N HIS D 116 -8.55 -11.09 -20.54
CA HIS D 116 -9.41 -10.13 -21.22
C HIS D 116 -10.17 -10.87 -22.31
N PHE D 117 -11.34 -10.37 -22.65
CA PHE D 117 -12.18 -11.00 -23.66
C PHE D 117 -12.26 -10.11 -24.92
N ALA D 118 -12.99 -10.56 -25.94
CA ALA D 118 -12.97 -9.93 -27.25
C ALA D 118 -13.83 -8.69 -27.30
N MET D 119 -14.90 -8.68 -26.50
CA MET D 119 -15.73 -7.51 -26.29
C MET D 119 -16.29 -7.50 -24.88
N GLU D 120 -16.89 -6.37 -24.53
CA GLU D 120 -17.66 -6.26 -23.31
C GLU D 120 -18.85 -5.40 -23.61
N MET D 121 -20.01 -5.93 -23.28
CA MET D 121 -21.27 -5.25 -23.43
C MET D 121 -21.71 -4.67 -22.10
N HIS D 122 -22.16 -3.42 -22.12
CA HIS D 122 -22.68 -2.71 -20.95
C HIS D 122 -24.13 -2.27 -21.09
N ILE D 123 -25.01 -2.80 -20.23
CA ILE D 123 -26.41 -2.37 -20.18
C ILE D 123 -26.55 -1.43 -19.00
N VAL D 124 -26.85 -0.17 -19.30
CA VAL D 124 -26.77 0.92 -18.33
C VAL D 124 -28.19 1.13 -17.82
N HIS D 125 -28.36 1.05 -16.52
CA HIS D 125 -29.67 1.29 -15.91
C HIS D 125 -29.54 2.40 -14.85
N GLU D 126 -30.68 2.98 -14.46
CA GLU D 126 -30.71 3.99 -13.41
C GLU D 126 -31.69 3.60 -12.32
N LYS D 127 -31.32 3.85 -11.07
CA LYS D 127 -32.17 3.58 -9.88
C LYS D 127 -33.50 4.27 -10.02
N GLU D 128 -34.60 3.49 -9.92
CA GLU D 128 -35.93 4.07 -10.08
C GLU D 128 -36.28 4.92 -8.88
N LYS D 129 -36.71 6.15 -9.15
CA LYS D 129 -37.06 7.08 -8.07
C LYS D 129 -38.18 6.55 -7.20
N GLY D 130 -38.00 6.56 -5.90
CA GLY D 130 -39.10 6.27 -4.98
C GLY D 130 -39.49 4.82 -4.94
N THR D 131 -38.53 3.94 -5.27
CA THR D 131 -38.75 2.49 -5.23
C THR D 131 -37.69 1.76 -4.40
N SER D 132 -36.78 2.49 -3.75
CA SER D 132 -35.75 1.84 -2.93
C SER D 132 -36.41 1.27 -1.69
N ARG D 133 -35.77 0.30 -1.05
CA ARG D 133 -36.31 -0.28 0.17
C ARG D 133 -36.37 0.73 1.34
N ASN D 134 -35.38 1.63 1.42
CA ASN D 134 -35.46 2.74 2.36
C ASN D 134 -34.87 4.02 1.76
N VAL D 135 -35.06 5.13 2.49
CA VAL D 135 -34.67 6.47 2.06
C VAL D 135 -33.15 6.61 1.89
N LYS D 136 -32.39 5.99 2.78
CA LYS D 136 -30.92 5.97 2.75
C LYS D 136 -30.39 5.35 1.47
N GLU D 137 -31.02 4.25 1.06
CA GLU D 137 -30.68 3.59 -0.21
C GLU D 137 -31.09 4.43 -1.39
N ALA D 138 -32.27 5.05 -1.31
CA ALA D 138 -32.76 5.95 -2.37
C ALA D 138 -31.81 7.11 -2.62
N GLN D 139 -31.16 7.58 -1.54
CA GLN D 139 -30.28 8.75 -1.56
C GLN D 139 -28.81 8.43 -1.78
N ASP D 140 -28.42 7.17 -1.69
CA ASP D 140 -27.05 6.79 -1.93
C ASP D 140 -26.59 7.21 -3.36
N PRO D 141 -25.60 8.09 -3.46
CA PRO D 141 -25.18 8.50 -4.80
C PRO D 141 -24.22 7.50 -5.46
N GLU D 142 -23.61 6.61 -4.68
CA GLU D 142 -22.61 5.64 -5.19
C GLU D 142 -23.20 4.58 -6.13
N ASP D 143 -24.52 4.39 -6.14
CA ASP D 143 -25.19 3.37 -6.97
C ASP D 143 -26.37 3.92 -7.78
N GLU D 144 -26.25 5.16 -8.18
CA GLU D 144 -27.32 5.74 -8.97
C GLU D 144 -27.50 5.02 -10.30
N ILE D 145 -26.40 4.47 -10.82
CA ILE D 145 -26.40 3.74 -12.07
C ILE D 145 -25.99 2.29 -11.76
N ALA D 146 -26.73 1.35 -12.32
CA ALA D 146 -26.35 -0.06 -12.33
C ALA D 146 -26.02 -0.41 -13.75
N VAL D 147 -24.76 -0.83 -13.98
CA VAL D 147 -24.33 -1.36 -15.26
C VAL D 147 -24.22 -2.88 -15.16
N LEU D 148 -24.89 -3.54 -16.09
CA LEU D 148 -24.71 -4.97 -16.27
C LEU D 148 -23.63 -5.17 -17.33
N ALA D 149 -22.56 -5.90 -17.00
CA ALA D 149 -21.43 -6.14 -17.93
C ALA D 149 -21.33 -7.56 -18.32
N PHE D 150 -21.34 -7.80 -19.63
CA PHE D 150 -21.20 -9.14 -20.20
C PHE D 150 -19.95 -9.21 -21.05
N LEU D 151 -19.13 -10.21 -20.75
CA LEU D 151 -17.92 -10.46 -21.49
C LEU D 151 -18.29 -11.23 -22.72
N VAL D 152 -17.57 -10.98 -23.81
CA VAL D 152 -17.88 -11.66 -25.07
C VAL D 152 -16.69 -12.46 -25.44
N GLU D 153 -16.89 -13.75 -25.67
CA GLU D 153 -15.78 -14.53 -26.16
C GLU D 153 -15.90 -14.97 -27.60
N ALA D 154 -14.78 -14.81 -28.30
CA ALA D 154 -14.64 -15.07 -29.72
C ALA D 154 -14.66 -16.58 -29.99
N GLY D 155 -15.42 -17.01 -30.98
CA GLY D 155 -15.44 -18.43 -31.35
C GLY D 155 -15.52 -18.57 -32.84
N THR D 156 -15.98 -19.73 -33.28
CA THR D 156 -16.12 -20.03 -34.70
C THR D 156 -17.56 -20.39 -35.11
N GLN D 157 -18.53 -20.12 -34.22
CA GLN D 157 -19.97 -20.34 -34.47
C GLN D 157 -20.73 -19.04 -34.51
N VAL D 158 -21.65 -18.92 -35.45
CA VAL D 158 -22.52 -17.76 -35.52
C VAL D 158 -23.63 -17.80 -34.47
N ASN D 159 -23.64 -16.75 -33.62
CA ASN D 159 -24.71 -16.49 -32.67
C ASN D 159 -25.84 -15.74 -33.34
N GLU D 160 -26.89 -16.49 -33.67
CA GLU D 160 -28.00 -15.96 -34.43
C GLU D 160 -28.72 -14.85 -33.67
N GLY D 161 -28.78 -14.95 -32.35
CA GLY D 161 -29.44 -13.91 -31.54
C GLY D 161 -28.84 -12.51 -31.71
N PHE D 162 -27.55 -12.46 -32.01
CA PHE D 162 -26.86 -11.23 -32.24
C PHE D 162 -27.03 -10.64 -33.61
N GLN D 163 -27.55 -11.38 -34.56
CA GLN D 163 -27.44 -10.97 -35.95
C GLN D 163 -28.18 -9.66 -36.31
N PRO D 164 -29.32 -9.39 -35.65
CA PRO D 164 -29.98 -8.10 -35.92
C PRO D 164 -29.12 -6.88 -35.56
N LEU D 165 -28.31 -6.96 -34.49
CA LEU D 165 -27.39 -5.86 -34.16
C LEU D 165 -26.27 -5.77 -35.20
N VAL D 166 -25.65 -6.91 -35.50
CA VAL D 166 -24.55 -6.98 -36.45
C VAL D 166 -24.97 -6.46 -37.83
N GLU D 167 -26.13 -6.87 -38.30
CA GLU D 167 -26.59 -6.44 -39.63
C GLU D 167 -26.90 -4.95 -39.70
N ALA D 168 -27.34 -4.35 -38.59
CA ALA D 168 -27.55 -2.91 -38.51
C ALA D 168 -26.27 -2.08 -38.71
N LEU D 169 -25.12 -2.65 -38.37
CA LEU D 169 -23.89 -1.85 -38.33
C LEU D 169 -23.51 -1.16 -39.66
N SER D 170 -23.75 -1.83 -40.80
CA SER D 170 -23.55 -1.26 -42.14
C SER D 170 -24.26 0.07 -42.40
N ASN D 171 -25.41 0.28 -41.76
CA ASN D 171 -26.14 1.51 -41.87
C ASN D 171 -25.68 2.64 -40.95
N ILE D 172 -24.74 2.40 -40.02
CA ILE D 172 -24.31 3.46 -39.11
C ILE D 172 -22.80 3.63 -39.02
N PRO D 173 -22.13 3.76 -40.18
CA PRO D 173 -20.65 3.76 -40.23
C PRO D 173 -19.94 4.95 -39.59
N LYS D 174 -20.60 6.13 -39.61
CA LYS D 174 -19.99 7.33 -39.07
C LYS D 174 -20.72 7.79 -37.83
N PRO D 175 -20.02 8.58 -36.99
CA PRO D 175 -20.65 9.17 -35.80
C PRO D 175 -21.94 9.91 -36.13
N GLU D 176 -22.89 9.90 -35.20
CA GLU D 176 -24.16 10.60 -35.36
C GLU D 176 -25.02 10.01 -36.46
N MET D 177 -24.82 8.73 -36.73
CA MET D 177 -25.76 7.99 -37.53
C MET D 177 -26.55 7.04 -36.66
N SER D 178 -27.78 6.75 -37.11
CA SER D 178 -28.62 5.79 -36.44
C SER D 178 -29.47 5.02 -37.42
N THR D 179 -29.95 3.88 -36.93
CA THR D 179 -30.80 3.01 -37.72
C THR D 179 -31.72 2.21 -36.79
N THR D 180 -32.64 1.47 -37.40
CA THR D 180 -33.58 0.65 -36.70
C THR D 180 -33.19 -0.81 -36.88
N MET D 181 -33.10 -1.59 -35.80
CA MET D 181 -32.77 -3.00 -35.92
C MET D 181 -34.02 -3.82 -36.25
N ALA D 182 -33.81 -4.91 -36.99
CA ALA D 182 -34.82 -5.96 -37.12
C ALA D 182 -35.29 -6.42 -35.73
N GLU D 183 -36.53 -6.89 -35.66
CA GLU D 183 -37.14 -7.35 -34.39
C GLU D 183 -36.18 -8.21 -33.58
N SER D 184 -36.04 -7.94 -32.30
CA SER D 184 -35.20 -8.73 -31.43
C SER D 184 -35.41 -8.34 -29.97
N SER D 185 -35.03 -9.24 -29.08
CA SER D 185 -35.08 -8.97 -27.65
C SER D 185 -33.70 -8.72 -27.06
N LEU D 186 -33.67 -8.13 -25.88
CA LEU D 186 -32.44 -8.07 -25.09
C LEU D 186 -31.90 -9.48 -24.76
N LEU D 187 -32.77 -10.38 -24.34
CA LEU D 187 -32.34 -11.76 -24.04
C LEU D 187 -31.71 -12.48 -25.25
N ASP D 188 -32.12 -12.16 -26.47
CA ASP D 188 -31.42 -12.67 -27.67
C ASP D 188 -29.92 -12.36 -27.65
N LEU D 189 -29.52 -11.28 -26.98
CA LEU D 189 -28.14 -10.84 -26.95
C LEU D 189 -27.36 -11.47 -25.80
N LEU D 190 -28.04 -12.12 -24.86
CA LEU D 190 -27.43 -12.50 -23.60
C LEU D 190 -27.27 -14.01 -23.50
N PRO D 191 -26.39 -14.49 -22.58
CA PRO D 191 -26.42 -15.92 -22.27
C PRO D 191 -27.80 -16.31 -21.74
N LYS D 192 -28.06 -17.62 -21.68
CA LYS D 192 -29.31 -18.13 -21.12
C LYS D 192 -29.47 -17.64 -19.69
N GLU D 193 -30.70 -17.37 -19.31
CA GLU D 193 -30.97 -16.71 -18.05
C GLU D 193 -30.47 -17.52 -16.85
N GLU D 194 -30.74 -18.82 -16.84
CA GLU D 194 -30.23 -19.74 -15.82
C GLU D 194 -28.70 -19.58 -15.62
N LYS D 195 -27.95 -19.29 -16.68
CA LYS D 195 -26.49 -19.08 -16.56
C LYS D 195 -26.06 -17.70 -16.10
N LEU D 196 -27.00 -16.82 -15.74
CA LEU D 196 -26.69 -15.52 -15.17
C LEU D 196 -26.76 -15.45 -13.63
N ARG D 197 -26.86 -16.58 -12.95
CA ARG D 197 -26.87 -16.58 -11.48
C ARG D 197 -25.51 -16.32 -10.83
N HIS D 198 -24.39 -16.62 -11.52
CA HIS D 198 -23.07 -16.27 -11.02
C HIS D 198 -22.60 -14.92 -11.55
N TYR D 199 -22.34 -14.00 -10.64
CA TYR D 199 -21.82 -12.69 -11.02
C TYR D 199 -20.98 -12.12 -9.91
N PHE D 200 -20.13 -11.18 -10.30
CA PHE D 200 -19.31 -10.39 -9.39
C PHE D 200 -19.84 -8.98 -9.33
N ARG D 201 -19.65 -8.34 -8.19
CA ARG D 201 -20.29 -7.09 -7.82
C ARG D 201 -19.25 -6.22 -7.14
N TYR D 202 -19.14 -4.96 -7.57
CA TYR D 202 -18.33 -3.97 -6.85
C TYR D 202 -18.85 -2.57 -7.16
N LEU D 203 -18.40 -1.61 -6.37
CA LEU D 203 -18.76 -0.21 -6.59
C LEU D 203 -17.67 0.51 -7.36
N GLY D 204 -18.02 1.28 -8.37
CA GLY D 204 -17.00 1.96 -9.14
C GLY D 204 -17.56 3.12 -9.92
N SER D 205 -17.03 3.29 -11.13
CA SER D 205 -17.26 4.48 -11.91
C SER D 205 -17.70 4.20 -13.32
N LEU D 206 -18.11 5.24 -14.00
CA LEU D 206 -18.23 5.21 -15.46
C LEU D 206 -16.83 5.16 -16.03
N THR D 207 -16.71 4.48 -17.17
CA THR D 207 -15.44 4.23 -17.83
C THR D 207 -15.13 5.23 -18.97
N THR D 208 -15.97 6.24 -19.14
CA THR D 208 -15.63 7.38 -19.98
C THR D 208 -15.86 8.67 -19.18
N PRO D 209 -15.16 9.75 -19.56
CA PRO D 209 -15.31 11.01 -18.79
C PRO D 209 -16.76 11.46 -18.71
N THR D 210 -17.21 11.99 -17.58
CA THR D 210 -16.36 12.41 -16.44
C THR D 210 -16.05 11.31 -15.40
N CYS D 211 -16.27 10.04 -15.73
CA CYS D 211 -15.90 8.92 -14.84
C CYS D 211 -16.49 9.03 -13.43
N ASP D 212 -17.76 9.41 -13.35
CA ASP D 212 -18.43 9.66 -12.08
C ASP D 212 -18.51 8.38 -11.29
N GLU D 213 -18.15 8.48 -10.02
CA GLU D 213 -18.12 7.31 -9.17
C GLU D 213 -19.51 7.03 -8.59
N LYS D 214 -20.44 6.64 -9.46
CA LYS D 214 -21.80 6.39 -9.05
C LYS D 214 -22.35 5.11 -9.63
N VAL D 215 -21.47 4.18 -10.01
CA VAL D 215 -21.89 2.93 -10.58
C VAL D 215 -21.78 1.75 -9.62
N VAL D 216 -22.88 1.00 -9.50
CA VAL D 216 -22.81 -0.34 -8.94
C VAL D 216 -22.66 -1.29 -10.13
N TRP D 217 -21.50 -1.92 -10.18
CA TRP D 217 -21.11 -2.84 -11.28
C TRP D 217 -21.53 -4.25 -11.01
N THR D 218 -22.01 -4.92 -12.06
CA THR D 218 -22.21 -6.34 -12.09
C THR D 218 -21.48 -6.94 -13.31
N VAL D 219 -20.59 -7.90 -13.10
CA VAL D 219 -19.92 -8.59 -14.20
C VAL D 219 -20.31 -10.06 -14.11
N PHE D 220 -21.04 -10.52 -15.12
CA PHE D 220 -21.51 -11.90 -15.13
C PHE D 220 -20.39 -12.85 -15.48
N ARG D 221 -20.35 -14.01 -14.82
CA ARG D 221 -19.29 -14.97 -15.07
C ARG D 221 -19.39 -15.59 -16.49
N GLU D 222 -20.61 -15.84 -16.97
CA GLU D 222 -20.82 -16.53 -18.23
C GLU D 222 -20.64 -15.56 -19.42
N PRO D 223 -19.65 -15.80 -20.29
CA PRO D 223 -19.53 -14.93 -21.45
C PRO D 223 -20.62 -15.19 -22.51
N ILE D 224 -20.87 -14.17 -23.34
CA ILE D 224 -21.63 -14.31 -24.59
C ILE D 224 -20.66 -14.88 -25.61
N GLN D 225 -21.14 -15.85 -26.38
CA GLN D 225 -20.33 -16.49 -27.41
C GLN D 225 -20.67 -15.83 -28.76
N LEU D 226 -19.69 -15.25 -29.44
CA LEU D 226 -19.86 -14.69 -30.79
C LEU D 226 -18.81 -15.18 -31.74
N HIS D 227 -19.19 -15.32 -33.02
CA HIS D 227 -18.21 -15.63 -34.06
C HIS D 227 -17.18 -14.53 -34.10
N ARG D 228 -15.90 -14.88 -34.31
CA ARG D 228 -14.83 -13.88 -34.67
C ARG D 228 -15.29 -12.76 -35.66
N GLU D 229 -16.07 -13.16 -36.65
CA GLU D 229 -16.54 -12.29 -37.70
C GLU D 229 -17.69 -11.40 -37.27
N GLN D 230 -18.50 -11.85 -36.31
CA GLN D 230 -19.53 -11.01 -35.71
C GLN D 230 -18.87 -9.92 -34.89
N ILE D 231 -17.78 -10.26 -34.21
CA ILE D 231 -17.01 -9.26 -33.48
C ILE D 231 -16.28 -8.33 -34.47
N LEU D 232 -15.70 -8.89 -35.52
CA LEU D 232 -14.94 -8.09 -36.47
C LEU D 232 -15.80 -7.18 -37.32
N ALA D 233 -17.08 -7.48 -37.45
CA ALA D 233 -18.02 -6.59 -38.12
C ALA D 233 -17.98 -5.15 -37.55
N PHE D 234 -17.76 -5.04 -36.25
CA PHE D 234 -17.73 -3.75 -35.56
C PHE D 234 -16.57 -2.86 -36.07
N SER D 235 -15.38 -3.42 -36.14
CA SER D 235 -14.20 -2.67 -36.60
C SER D 235 -14.17 -2.58 -38.13
N GLN D 236 -14.89 -3.48 -38.82
CA GLN D 236 -15.00 -3.43 -40.32
C GLN D 236 -15.99 -2.41 -40.85
N LYS D 237 -17.07 -2.20 -40.09
CA LYS D 237 -18.15 -1.34 -40.52
C LYS D 237 -18.13 0.05 -39.92
N LEU D 238 -17.58 0.20 -38.73
CA LEU D 238 -17.69 1.46 -38.00
C LEU D 238 -16.39 2.24 -37.99
N TYR D 239 -16.55 3.55 -37.93
CA TYR D 239 -15.44 4.49 -37.83
C TYR D 239 -15.67 5.45 -36.68
N TYR D 240 -14.58 5.89 -36.09
CA TYR D 240 -14.58 6.97 -35.09
C TYR D 240 -14.91 8.33 -35.68
N ASP D 241 -14.70 8.52 -36.99
CA ASP D 241 -14.79 9.86 -37.61
C ASP D 241 -15.65 9.91 -38.87
N LYS D 242 -16.22 11.08 -39.13
CA LYS D 242 -17.03 11.30 -40.31
C LYS D 242 -16.24 11.10 -41.62
N GLU D 243 -14.93 11.33 -41.59
CA GLU D 243 -14.10 11.14 -42.78
C GLU D 243 -13.81 9.67 -43.07
N GLN D 244 -14.13 8.83 -42.12
CA GLN D 244 -13.94 7.38 -42.21
C GLN D 244 -12.50 7.02 -42.41
N THR D 245 -11.63 7.62 -41.62
CA THR D 245 -10.18 7.34 -41.69
C THR D 245 -9.70 6.43 -40.55
N VAL D 246 -10.39 6.40 -39.42
CA VAL D 246 -10.01 5.54 -38.29
C VAL D 246 -11.14 4.57 -37.96
N SER D 247 -10.89 3.29 -38.28
CA SER D 247 -11.78 2.18 -37.91
C SER D 247 -12.01 2.16 -36.39
N MET D 248 -13.27 1.97 -35.98
CA MET D 248 -13.60 2.03 -34.56
C MET D 248 -13.26 0.68 -33.90
N LYS D 249 -12.33 0.74 -32.96
CA LYS D 249 -11.90 -0.42 -32.21
C LYS D 249 -11.01 0.10 -31.13
N ASP D 250 -10.74 -0.74 -30.13
CA ASP D 250 -9.88 -0.39 -29.00
C ASP D 250 -10.44 0.79 -28.23
N ASN D 251 -11.76 0.80 -28.17
CA ASN D 251 -12.47 1.84 -27.46
C ASN D 251 -12.60 1.37 -26.02
N VAL D 252 -11.44 1.19 -25.38
CA VAL D 252 -11.37 0.61 -24.02
C VAL D 252 -10.49 1.45 -23.08
N ARG D 253 -10.98 1.59 -21.87
CA ARG D 253 -10.28 2.29 -20.81
C ARG D 253 -9.34 1.30 -20.15
N PRO D 254 -8.06 1.70 -19.97
CA PRO D 254 -7.16 0.79 -19.26
C PRO D 254 -7.66 0.46 -17.85
N LEU D 255 -7.14 -0.62 -17.31
CA LEU D 255 -7.51 -1.10 -16.00
C LEU D 255 -7.13 -0.12 -14.91
N GLN D 256 -8.00 -0.02 -13.93
CA GLN D 256 -7.85 0.86 -12.82
C GLN D 256 -7.48 0.02 -11.61
N GLN D 257 -7.12 0.71 -10.55
CA GLN D 257 -6.66 0.08 -9.31
C GLN D 257 -7.85 -0.15 -8.40
N LEU D 258 -7.92 -1.35 -7.80
CA LEU D 258 -9.00 -1.67 -6.89
C LEU D 258 -8.97 -0.78 -5.66
N GLY D 259 -7.78 -0.61 -5.11
CA GLY D 259 -7.58 0.22 -3.94
C GLY D 259 -8.22 -0.38 -2.72
N GLN D 260 -8.94 0.46 -1.99
CA GLN D 260 -9.59 0.08 -0.73
C GLN D 260 -10.76 -0.89 -0.86
N ARG D 261 -11.34 -1.00 -2.07
CA ARG D 261 -12.67 -1.58 -2.27
C ARG D 261 -12.68 -3.07 -2.26
N THR D 262 -13.85 -3.65 -2.01
CA THR D 262 -14.05 -5.12 -1.98
C THR D 262 -14.90 -5.55 -3.17
N VAL D 263 -14.56 -6.70 -3.73
CA VAL D 263 -15.38 -7.38 -4.73
C VAL D 263 -16.00 -8.62 -4.13
N ILE D 264 -17.33 -8.71 -4.26
CA ILE D 264 -18.12 -9.81 -3.75
C ILE D 264 -18.79 -10.51 -4.93
N LYS D 265 -19.24 -11.74 -4.69
CA LYS D 265 -19.95 -12.53 -5.70
C LYS D 265 -21.14 -13.32 -5.13
N SER D 266 -22.05 -13.70 -6.03
CA SER D 266 -23.16 -14.56 -5.73
C SER D 266 -22.68 -16.00 -5.54
#